data_8PTA
#
_entry.id   8PTA
#
_cell.length_a   106.256
_cell.length_b   106.256
_cell.length_c   99.719
_cell.angle_alpha   90.00
_cell.angle_beta   90.00
_cell.angle_gamma   120.00
#
_symmetry.space_group_name_H-M   'P 31'
#
loop_
_entity.id
_entity.type
_entity.pdbx_description
1 polymer 'Mitogen-activated protein kinase 8'
2 non-polymer 'methyl (1R,3S)-1-methyl-3-[[3-[[3-methyl-4-[(4-pyridin-3-ylpyrimidin-2-yl)amino]phenyl]carbamoyl]phenyl]carbamoyl]-4-oxidanylidene-cyclohexane-1-carboxylate'
3 non-polymer GLYCEROL
4 water water
#
_entity_poly.entity_id   1
_entity_poly.type   'polypeptide(L)'
_entity_poly.pdbx_seq_one_letter_code
;GSMSRSKRDNNFYSVEIGDSTFTVLKRYQNLKPIGSGAQGIVCAAYDAILERNVAIKKLSRPFQNQTHAKRAYRELVLMK
CVNHKNIIGLLNVFTPQKSLEEFQDVYIVMELMDANLCQVIQMELDHERMSYLLYQMLCGIKHLHSAGIIHRDLKPSNIV
VKSDCTLKILDFGLARTAGTSFMMTPYVVTRYYRAPEVILGMGYKENVDIWSVGCIMGEMIKGGVLFPGTDHIDQWNKVI
EQLGTPCPEFMKKLQPTVRTYVENRPKYAGYSFEKLFPDVLFPADSEHNKLKASQARDLLSKMLVIDASKRISVDEALQH
PYINVWYDPSEAEAPPPKIPDKQLDEREHTIEEWKELIYKEVMDLE
;
_entity_poly.pdbx_strand_id   A,B,C
#
loop_
_chem_comp.id
_chem_comp.type
_chem_comp.name
_chem_comp.formula
CIF non-polymer 'methyl (1R,3S)-1-methyl-3-[[3-[[3-methyl-4-[(4-pyridin-3-ylpyrimidin-2-yl)amino]phenyl]carbamoyl]phenyl]carbamoyl]-4-oxidanylidene-cyclohexane-1-carboxylate' 'C33 H32 N6 O5'
GOL non-polymer GLYCEROL 'C3 H8 O3'
#
# COMPACT_ATOMS: atom_id res chain seq x y z
N ASN A 10 -38.99 7.26 36.29
CA ASN A 10 -39.33 8.25 35.27
C ASN A 10 -39.51 7.58 33.91
N ASN A 11 -38.51 7.69 33.05
CA ASN A 11 -38.56 7.02 31.76
C ASN A 11 -38.03 5.59 31.85
N PHE A 12 -37.84 5.13 33.08
CA PHE A 12 -37.33 3.83 33.45
C PHE A 12 -38.36 3.15 34.35
N TYR A 13 -38.48 1.84 34.23
CA TYR A 13 -39.32 1.09 35.15
C TYR A 13 -38.52 -0.10 35.69
N SER A 14 -38.92 -0.58 36.86
CA SER A 14 -38.15 -1.56 37.60
C SER A 14 -38.99 -2.81 37.87
N VAL A 15 -38.30 -3.94 37.98
CA VAL A 15 -38.92 -5.22 38.34
C VAL A 15 -37.96 -5.97 39.24
N GLU A 16 -38.52 -6.68 40.22
CA GLU A 16 -37.69 -7.48 41.12
C GLU A 16 -37.57 -8.92 40.63
N ILE A 17 -38.42 -9.33 39.70
CA ILE A 17 -38.30 -10.65 39.09
C ILE A 17 -36.88 -10.77 38.51
N GLY A 18 -36.37 -11.99 38.48
CA GLY A 18 -35.00 -12.23 38.06
C GLY A 18 -33.97 -12.03 39.15
N ASP A 19 -34.39 -12.11 40.41
CA ASP A 19 -33.63 -12.12 41.65
C ASP A 19 -33.02 -10.77 42.00
N SER A 20 -33.30 -9.71 41.26
CA SER A 20 -32.80 -8.39 41.58
C SER A 20 -33.75 -7.37 40.99
N THR A 21 -33.54 -6.10 41.35
CA THR A 21 -34.43 -5.03 40.92
C THR A 21 -33.92 -4.50 39.59
N PHE A 22 -34.30 -5.19 38.51
CA PHE A 22 -33.93 -4.76 37.18
C PHE A 22 -34.69 -3.50 36.80
N THR A 23 -33.97 -2.42 36.51
CA THR A 23 -34.58 -1.18 36.08
C THR A 23 -34.28 -1.02 34.60
N VAL A 24 -35.32 -0.71 33.83
CA VAL A 24 -35.23 -0.74 32.38
C VAL A 24 -36.22 0.26 31.80
N LEU A 25 -36.02 0.64 30.55
CA LEU A 25 -36.99 1.48 29.88
C LEU A 25 -38.26 0.67 29.65
N LYS A 26 -39.38 1.38 29.51
CA LYS A 26 -40.66 0.66 29.43
C LYS A 26 -40.84 -0.04 28.09
N ARG A 27 -40.01 0.28 27.10
CA ARG A 27 -40.12 -0.38 25.80
C ARG A 27 -39.79 -1.87 25.92
N TYR A 28 -39.03 -2.27 26.94
CA TYR A 28 -38.69 -3.66 27.17
C TYR A 28 -39.57 -4.17 28.30
N GLN A 29 -40.34 -5.22 28.04
CA GLN A 29 -41.31 -5.71 29.01
C GLN A 29 -41.27 -7.23 29.04
N ASN A 30 -42.00 -7.80 30.01
CA ASN A 30 -42.06 -9.23 30.22
C ASN A 30 -40.67 -9.81 30.50
N LEU A 31 -39.87 -9.09 31.29
CA LEU A 31 -38.53 -9.55 31.61
C LEU A 31 -38.59 -10.86 32.37
N LYS A 32 -37.89 -11.88 31.85
CA LYS A 32 -37.86 -13.21 32.41
C LYS A 32 -36.43 -13.78 32.41
N PRO A 33 -36.07 -14.52 33.45
CA PRO A 33 -34.68 -15.00 33.57
C PRO A 33 -34.35 -16.07 32.55
N ILE A 34 -33.17 -15.96 31.96
CA ILE A 34 -32.70 -16.98 30.97
C ILE A 34 -31.30 -17.44 31.35
N GLY A 35 -30.91 -17.24 32.60
CA GLY A 35 -29.57 -17.60 33.06
C GLY A 35 -29.40 -19.09 33.28
N SER A 36 -28.36 -19.67 32.67
CA SER A 36 -28.08 -21.12 32.82
C SER A 36 -26.57 -21.34 32.68
N GLY A 37 -25.79 -20.74 33.58
CA GLY A 37 -24.33 -20.99 33.58
C GLY A 37 -23.48 -19.82 33.12
N ALA A 38 -24.06 -18.81 32.50
CA ALA A 38 -23.22 -17.72 31.97
C ALA A 38 -22.75 -16.85 33.14
N GLN A 39 -21.59 -16.20 33.01
CA GLN A 39 -21.03 -15.43 34.15
C GLN A 39 -22.02 -14.32 34.43
N GLY A 40 -23.04 -14.18 33.58
CA GLY A 40 -23.98 -13.08 33.75
C GLY A 40 -25.41 -13.52 33.94
N ILE A 41 -26.15 -12.78 34.75
CA ILE A 41 -27.61 -13.06 34.92
C ILE A 41 -28.33 -12.14 33.94
N VAL A 42 -28.81 -12.70 32.83
CA VAL A 42 -29.47 -11.92 31.80
C VAL A 42 -30.91 -12.39 31.71
N CYS A 43 -31.74 -11.45 31.24
CA CYS A 43 -33.18 -11.72 31.14
C CYS A 43 -33.71 -11.40 29.75
N ALA A 44 -34.76 -12.08 29.33
CA ALA A 44 -35.39 -11.89 28.03
C ALA A 44 -36.45 -10.79 28.10
N ALA A 45 -36.64 -10.10 26.98
CA ALA A 45 -37.57 -8.99 26.95
C ALA A 45 -38.08 -8.77 25.53
N TYR A 46 -39.17 -8.01 25.44
CA TYR A 46 -39.77 -7.62 24.17
C TYR A 46 -39.77 -6.11 24.09
N ASP A 47 -39.22 -5.58 23.00
CA ASP A 47 -39.20 -4.14 22.76
C ASP A 47 -40.37 -3.73 21.87
N ALA A 48 -41.13 -2.73 22.31
CA ALA A 48 -42.21 -2.24 21.49
C ALA A 48 -41.68 -1.40 20.33
N ILE A 49 -40.70 -0.54 20.61
CA ILE A 49 -40.14 0.33 19.58
C ILE A 49 -39.52 -0.50 18.45
N LEU A 50 -38.76 -1.53 18.81
CA LEU A 50 -38.21 -2.52 17.89
C LEU A 50 -38.99 -3.82 18.06
N GLU A 51 -39.68 -4.25 16.99
CA GLU A 51 -40.56 -5.42 17.03
C GLU A 51 -39.91 -6.66 17.65
N ARG A 52 -38.59 -6.83 17.50
CA ARG A 52 -37.93 -8.05 17.94
C ARG A 52 -37.81 -8.15 19.46
N ASN A 53 -37.98 -9.36 19.97
CA ASN A 53 -37.70 -9.66 21.37
C ASN A 53 -36.20 -9.67 21.61
N VAL A 54 -35.79 -9.12 22.76
CA VAL A 54 -34.39 -8.83 23.03
C VAL A 54 -34.02 -9.37 24.41
N ALA A 55 -32.71 -9.59 24.61
CA ALA A 55 -32.16 -10.06 25.87
C ALA A 55 -31.36 -8.94 26.53
N ILE A 56 -31.55 -8.77 27.84
CA ILE A 56 -30.95 -7.68 28.59
C ILE A 56 -30.09 -8.25 29.71
N LYS A 57 -28.89 -7.68 29.89
CA LYS A 57 -27.97 -8.09 30.92
C LYS A 57 -27.73 -6.95 31.91
N LYS A 58 -27.73 -7.27 33.19
CA LYS A 58 -27.40 -6.32 34.24
C LYS A 58 -25.98 -6.60 34.70
N LEU A 59 -25.09 -5.62 34.49
CA LEU A 59 -23.69 -5.74 34.90
C LEU A 59 -23.57 -5.27 36.34
N SER A 60 -23.40 -6.23 37.26
CA SER A 60 -23.36 -5.91 38.67
C SER A 60 -22.01 -5.29 39.03
N ARG A 61 -22.04 -4.04 39.47
CA ARG A 61 -20.88 -3.32 39.99
C ARG A 61 -19.68 -3.44 39.04
N PRO A 62 -19.74 -2.81 37.87
CA PRO A 62 -18.61 -2.93 36.93
C PRO A 62 -17.30 -2.39 37.50
N PHE A 63 -17.36 -1.36 38.33
CA PHE A 63 -16.18 -0.74 38.92
C PHE A 63 -15.86 -1.31 40.30
N GLN A 64 -16.43 -2.47 40.63
CA GLN A 64 -16.27 -3.04 41.96
C GLN A 64 -14.81 -3.33 42.27
N ASN A 65 -14.05 -3.71 41.24
CA ASN A 65 -12.63 -3.94 41.35
C ASN A 65 -12.02 -3.66 39.98
N GLN A 66 -10.69 -3.74 39.90
CA GLN A 66 -10.03 -3.44 38.64
C GLN A 66 -10.34 -4.52 37.59
N THR A 67 -10.47 -5.77 38.03
CA THR A 67 -10.70 -6.86 37.08
C THR A 67 -12.09 -6.78 36.44
N HIS A 68 -13.11 -6.40 37.22
CA HIS A 68 -14.45 -6.30 36.68
C HIS A 68 -14.53 -5.22 35.60
N ALA A 69 -13.90 -4.07 35.85
CA ALA A 69 -13.99 -2.95 34.92
C ALA A 69 -13.34 -3.29 33.58
N LYS A 70 -12.12 -3.84 33.61
CA LYS A 70 -11.41 -4.14 32.38
C LYS A 70 -12.24 -5.06 31.48
N ARG A 71 -12.91 -6.05 32.07
CA ARG A 71 -13.76 -6.92 31.27
C ARG A 71 -14.93 -6.14 30.69
N ALA A 72 -15.59 -5.32 31.52
CA ALA A 72 -16.74 -4.58 31.05
C ALA A 72 -16.34 -3.53 30.01
N TYR A 73 -15.25 -2.80 30.28
CA TYR A 73 -14.84 -1.75 29.34
C TYR A 73 -14.51 -2.32 27.97
N ARG A 74 -13.79 -3.44 27.94
CA ARG A 74 -13.40 -4.03 26.66
C ARG A 74 -14.64 -4.55 25.93
N GLU A 75 -15.54 -5.19 26.67
CA GLU A 75 -16.75 -5.78 26.05
C GLU A 75 -17.56 -4.66 25.39
N LEU A 76 -17.78 -3.56 26.11
CA LEU A 76 -18.63 -2.46 25.58
C LEU A 76 -17.99 -1.83 24.35
N VAL A 77 -16.68 -1.57 24.38
CA VAL A 77 -16.01 -0.87 23.25
C VAL A 77 -15.95 -1.81 22.05
N LEU A 78 -15.70 -3.09 22.28
CA LEU A 78 -15.59 -4.06 21.18
C LEU A 78 -16.94 -4.39 20.60
N MET A 79 -17.96 -4.57 21.45
CA MET A 79 -19.30 -4.86 20.95
C MET A 79 -19.83 -3.69 20.13
N LYS A 80 -19.46 -2.46 20.50
CA LYS A 80 -19.91 -1.27 19.81
C LYS A 80 -19.22 -1.09 18.45
N CYS A 81 -18.01 -1.61 18.27
CA CYS A 81 -17.25 -1.37 17.06
C CYS A 81 -17.12 -2.61 16.19
N VAL A 82 -17.87 -3.67 16.47
CA VAL A 82 -17.87 -4.88 15.67
C VAL A 82 -19.25 -5.05 15.06
N ASN A 83 -19.28 -5.38 13.76
CA ASN A 83 -20.53 -5.63 13.03
C ASN A 83 -20.29 -6.91 12.23
N HIS A 84 -20.79 -8.03 12.76
CA HIS A 84 -20.65 -9.30 12.08
C HIS A 84 -21.84 -10.16 12.43
N LYS A 85 -22.25 -11.01 11.48
CA LYS A 85 -23.40 -11.87 11.70
C LYS A 85 -23.10 -12.95 12.73
N ASN A 86 -21.85 -13.41 12.78
CA ASN A 86 -21.46 -14.49 13.67
C ASN A 86 -20.89 -13.99 14.99
N ILE A 87 -20.98 -12.69 15.27
CA ILE A 87 -20.59 -12.12 16.55
C ILE A 87 -21.78 -11.32 17.07
N ILE A 88 -22.08 -11.48 18.36
CA ILE A 88 -23.21 -10.77 18.95
C ILE A 88 -22.99 -9.27 18.84
N GLY A 89 -24.09 -8.55 18.63
CA GLY A 89 -24.02 -7.10 18.46
C GLY A 89 -24.75 -6.37 19.56
N LEU A 90 -24.43 -5.09 19.77
CA LEU A 90 -25.03 -4.29 20.81
C LEU A 90 -26.15 -3.44 20.20
N LEU A 91 -27.37 -3.66 20.65
CA LEU A 91 -28.50 -2.86 20.19
C LEU A 91 -28.58 -1.53 20.92
N ASN A 92 -28.49 -1.57 22.25
CA ASN A 92 -28.60 -0.36 23.06
C ASN A 92 -27.93 -0.60 24.40
N VAL A 93 -27.32 0.45 24.94
CA VAL A 93 -26.72 0.42 26.27
C VAL A 93 -27.24 1.61 27.06
N PHE A 94 -27.60 1.38 28.32
CA PHE A 94 -28.19 2.43 29.13
C PHE A 94 -27.89 2.17 30.61
N THR A 95 -28.05 3.21 31.41
CA THR A 95 -27.97 3.11 32.85
C THR A 95 -29.08 3.94 33.47
N PRO A 96 -29.78 3.39 34.48
CA PRO A 96 -30.89 4.14 35.09
C PRO A 96 -30.43 5.41 35.77
N GLN A 97 -29.28 5.39 36.42
CA GLN A 97 -28.75 6.57 37.09
C GLN A 97 -28.36 7.64 36.08
N LYS A 98 -28.53 8.89 36.49
CA LYS A 98 -28.14 10.04 35.68
C LYS A 98 -26.85 10.69 36.13
N SER A 99 -26.49 10.57 37.41
CA SER A 99 -25.27 11.17 37.93
C SER A 99 -24.10 10.21 37.83
N LEU A 100 -22.93 10.74 37.46
CA LEU A 100 -21.71 9.96 37.49
C LEU A 100 -21.34 9.58 38.92
N GLU A 101 -21.57 10.48 39.87
CA GLU A 101 -21.20 10.23 41.26
C GLU A 101 -21.95 9.04 41.86
N GLU A 102 -23.23 8.89 41.51
CA GLU A 102 -24.06 7.81 42.03
C GLU A 102 -24.25 6.69 41.02
N PHE A 103 -23.45 6.68 39.96
CA PHE A 103 -23.59 5.72 38.88
C PHE A 103 -23.16 4.32 39.35
N GLN A 104 -24.06 3.34 39.23
CA GLN A 104 -23.76 2.04 39.81
C GLN A 104 -23.89 0.85 38.85
N ASP A 105 -24.75 0.92 37.84
CA ASP A 105 -25.04 -0.25 37.03
C ASP A 105 -25.20 0.09 35.56
N VAL A 106 -24.97 -0.93 34.72
CA VAL A 106 -25.05 -0.82 33.26
C VAL A 106 -25.89 -1.98 32.73
N TYR A 107 -26.74 -1.68 31.74
CA TYR A 107 -27.59 -2.67 31.11
C TYR A 107 -27.22 -2.81 29.64
N ILE A 108 -27.16 -4.05 29.16
CA ILE A 108 -26.80 -4.37 27.79
C ILE A 108 -27.96 -5.11 27.14
N VAL A 109 -28.37 -4.66 25.96
CA VAL A 109 -29.40 -5.34 25.18
C VAL A 109 -28.77 -5.78 23.86
N MET A 110 -29.11 -6.99 23.44
CA MET A 110 -28.52 -7.58 22.25
C MET A 110 -29.59 -8.46 21.60
N GLU A 111 -29.30 -8.94 20.40
CA GLU A 111 -30.25 -9.81 19.71
C GLU A 111 -30.45 -11.09 20.51
N LEU A 112 -31.69 -11.39 20.84
CA LEU A 112 -31.98 -12.59 21.60
C LEU A 112 -31.83 -13.83 20.73
N MET A 113 -31.22 -14.87 21.28
CA MET A 113 -31.05 -16.14 20.62
C MET A 113 -31.70 -17.23 21.45
N ASP A 114 -32.08 -18.31 20.78
CA ASP A 114 -32.92 -19.31 21.43
C ASP A 114 -32.13 -20.15 22.43
N ALA A 115 -30.91 -20.52 22.08
CA ALA A 115 -30.12 -21.35 23.00
C ALA A 115 -28.62 -21.20 22.72
N ASN A 116 -27.83 -21.77 23.62
CA ASN A 116 -26.35 -21.79 23.52
C ASN A 116 -25.92 -23.03 22.74
N LEU A 117 -24.70 -23.07 22.26
CA LEU A 117 -24.25 -24.23 21.47
C LEU A 117 -24.27 -25.53 22.26
N CYS A 118 -24.04 -25.50 23.57
CA CYS A 118 -24.02 -26.73 24.39
C CYS A 118 -25.36 -27.43 24.25
N GLN A 119 -26.47 -26.70 24.34
CA GLN A 119 -27.82 -27.27 24.21
C GLN A 119 -28.00 -27.86 22.82
N VAL A 120 -27.51 -27.17 21.81
CA VAL A 120 -27.60 -27.65 20.42
C VAL A 120 -26.76 -28.90 20.21
N ILE A 121 -25.64 -29.02 20.93
CA ILE A 121 -24.75 -30.22 20.86
C ILE A 121 -25.50 -31.44 21.39
N GLN A 122 -26.34 -31.24 22.41
CA GLN A 122 -27.13 -32.33 23.06
C GLN A 122 -28.02 -32.98 22.01
N MET A 123 -28.62 -32.18 21.14
CA MET A 123 -29.42 -32.75 20.03
C MET A 123 -28.42 -33.24 18.98
N GLU A 124 -28.49 -34.50 18.61
CA GLU A 124 -27.61 -35.00 17.57
C GLU A 124 -28.03 -34.39 16.24
N LEU A 125 -27.06 -33.85 15.51
CA LEU A 125 -27.31 -33.07 14.31
C LEU A 125 -26.86 -33.85 13.08
N ASP A 126 -26.60 -33.13 11.98
CA ASP A 126 -26.18 -33.75 10.74
C ASP A 126 -25.05 -32.92 10.15
N HIS A 127 -24.41 -33.49 9.13
CA HIS A 127 -23.23 -32.86 8.54
C HIS A 127 -23.54 -31.47 8.01
N GLU A 128 -24.71 -31.27 7.40
CA GLU A 128 -25.01 -29.96 6.83
C GLU A 128 -25.14 -28.91 7.93
N ARG A 129 -25.83 -29.26 9.03
CA ARG A 129 -25.95 -28.34 10.14
C ARG A 129 -24.65 -28.25 10.93
N MET A 130 -23.92 -29.36 11.04
CA MET A 130 -22.65 -29.34 11.75
C MET A 130 -21.63 -28.48 10.99
N SER A 131 -21.54 -28.68 9.68
CA SER A 131 -20.61 -27.91 8.87
C SER A 131 -20.91 -26.42 8.92
N TYR A 132 -22.21 -26.08 8.98
CA TYR A 132 -22.60 -24.67 9.02
C TYR A 132 -22.22 -24.01 10.33
N LEU A 133 -22.39 -24.72 11.46
CA LEU A 133 -21.97 -24.17 12.74
C LEU A 133 -20.46 -23.93 12.77
N LEU A 134 -19.70 -24.88 12.25
CA LEU A 134 -18.25 -24.73 12.19
C LEU A 134 -17.84 -23.60 11.25
N TYR A 135 -18.50 -23.50 10.10
CA TYR A 135 -18.17 -22.44 9.15
C TYR A 135 -18.36 -21.06 9.79
N GLN A 136 -19.46 -20.88 10.52
CA GLN A 136 -19.72 -19.58 11.14
C GLN A 136 -18.73 -19.28 12.25
N MET A 137 -18.41 -20.30 13.07
CA MET A 137 -17.47 -20.11 14.16
C MET A 137 -16.12 -19.63 13.62
N LEU A 138 -15.68 -20.21 12.51
CA LEU A 138 -14.41 -19.83 11.91
C LEU A 138 -14.46 -18.39 11.39
N CYS A 139 -15.60 -17.98 10.81
CA CYS A 139 -15.70 -16.61 10.30
C CYS A 139 -15.67 -15.60 11.43
N GLY A 140 -16.28 -15.92 12.58
CA GLY A 140 -16.22 -15.03 13.71
C GLY A 140 -14.81 -14.91 14.26
N ILE A 141 -14.09 -16.04 14.31
CA ILE A 141 -12.71 -16.03 14.80
C ILE A 141 -11.82 -15.24 13.84
N LYS A 142 -11.98 -15.49 12.54
CA LYS A 142 -11.16 -14.79 11.56
C LYS A 142 -11.45 -13.30 11.58
N HIS A 143 -12.72 -12.93 11.75
CA HIS A 143 -13.07 -11.52 11.88
C HIS A 143 -12.42 -10.92 13.12
N LEU A 144 -12.33 -11.70 14.19
CA LEU A 144 -11.65 -11.23 15.39
C LEU A 144 -10.15 -11.10 15.16
N HIS A 145 -9.55 -12.09 14.49
CA HIS A 145 -8.12 -12.03 14.20
C HIS A 145 -7.76 -10.85 13.31
N SER A 146 -8.68 -10.42 12.44
CA SER A 146 -8.41 -9.29 11.55
C SER A 146 -8.15 -8.02 12.34
N ALA A 147 -8.76 -7.89 13.51
CA ALA A 147 -8.55 -6.73 14.37
C ALA A 147 -7.47 -6.99 15.41
N GLY A 148 -6.81 -8.14 15.36
CA GLY A 148 -5.77 -8.46 16.32
C GLY A 148 -6.26 -9.12 17.59
N ILE A 149 -7.47 -9.68 17.57
CA ILE A 149 -8.09 -10.24 18.76
C ILE A 149 -7.98 -11.76 18.70
N ILE A 150 -7.36 -12.35 19.73
CA ILE A 150 -7.30 -13.80 19.90
C ILE A 150 -8.14 -14.14 21.11
N HIS A 151 -9.05 -15.10 20.96
CA HIS A 151 -10.04 -15.38 22.00
C HIS A 151 -9.46 -16.21 23.14
N ARG A 152 -8.99 -17.41 22.84
CA ARG A 152 -8.44 -18.38 23.78
C ARG A 152 -9.44 -18.84 24.85
N ASP A 153 -10.72 -18.46 24.74
CA ASP A 153 -11.69 -18.96 25.71
C ASP A 153 -12.98 -19.37 25.02
N LEU A 154 -12.86 -19.98 23.83
CA LEU A 154 -14.04 -20.40 23.09
C LEU A 154 -14.57 -21.70 23.67
N LYS A 155 -15.84 -21.70 24.07
CA LYS A 155 -16.46 -22.87 24.66
C LYS A 155 -17.91 -22.93 24.23
N PRO A 156 -18.55 -24.10 24.32
CA PRO A 156 -19.95 -24.21 23.89
C PRO A 156 -20.91 -23.38 24.73
N SER A 157 -20.55 -22.99 25.95
CA SER A 157 -21.40 -22.10 26.73
C SER A 157 -21.18 -20.64 26.36
N ASN A 158 -20.20 -20.39 25.48
CA ASN A 158 -19.87 -19.07 24.99
C ASN A 158 -20.47 -18.80 23.61
N ILE A 159 -21.17 -19.77 23.06
CA ILE A 159 -21.70 -19.71 21.69
C ILE A 159 -23.22 -19.82 21.76
N VAL A 160 -23.90 -18.92 21.06
CA VAL A 160 -25.36 -18.82 21.06
C VAL A 160 -25.88 -19.06 19.65
N VAL A 161 -27.04 -19.71 19.58
CA VAL A 161 -27.59 -20.06 18.25
C VAL A 161 -29.07 -19.73 18.18
N LYS A 162 -29.55 -19.41 16.98
CA LYS A 162 -30.97 -19.23 16.77
C LYS A 162 -31.50 -20.51 16.12
N SER A 163 -32.82 -20.60 16.01
CA SER A 163 -33.46 -21.79 15.45
C SER A 163 -33.10 -22.03 13.99
N ASP A 164 -32.67 -21.01 13.26
CA ASP A 164 -32.25 -21.18 11.88
C ASP A 164 -30.77 -21.52 11.76
N CYS A 165 -30.14 -21.89 12.88
CA CYS A 165 -28.72 -22.25 12.94
C CYS A 165 -27.79 -21.08 12.63
N THR A 166 -28.17 -19.88 13.01
CA THR A 166 -27.26 -18.73 12.87
C THR A 166 -26.49 -18.60 14.18
N LEU A 167 -25.17 -18.63 14.07
CA LEU A 167 -24.28 -18.76 15.22
C LEU A 167 -23.67 -17.41 15.57
N LYS A 168 -23.59 -17.12 16.87
CA LYS A 168 -22.94 -15.90 17.35
C LYS A 168 -22.11 -16.23 18.58
N ILE A 169 -21.10 -15.38 18.81
CA ILE A 169 -20.13 -15.55 19.90
C ILE A 169 -20.41 -14.46 20.94
N LEU A 170 -20.47 -14.86 22.21
CA LEU A 170 -20.88 -13.92 23.25
C LEU A 170 -19.73 -13.00 23.69
N ASP A 171 -18.65 -13.57 24.23
CA ASP A 171 -17.57 -12.78 24.80
C ASP A 171 -16.38 -12.74 23.85
N PHE A 172 -15.48 -11.79 24.14
CA PHE A 172 -14.30 -11.51 23.34
C PHE A 172 -13.03 -12.12 23.92
N GLY A 173 -13.18 -13.19 24.70
CA GLY A 173 -12.08 -13.95 25.27
C GLY A 173 -11.34 -13.27 26.41
N LEU A 174 -10.05 -13.60 26.51
CA LEU A 174 -9.24 -13.29 27.68
C LEU A 174 -8.29 -12.11 27.46
N ALA A 175 -8.38 -11.43 26.33
CA ALA A 175 -7.57 -10.23 26.05
C ALA A 175 -6.09 -10.64 26.07
N ARG A 176 -5.23 -9.92 26.79
CA ARG A 176 -3.79 -10.14 26.73
C ARG A 176 -3.31 -10.78 28.03
N THR A 177 -2.52 -11.85 27.89
CA THR A 177 -1.93 -12.54 29.03
C THR A 177 -0.84 -13.50 28.56
N THR A 180 -3.29 -17.99 33.56
CA THR A 180 -4.65 -17.94 33.02
C THR A 180 -5.48 -19.13 33.47
N SER A 181 -4.82 -20.10 34.13
CA SER A 181 -5.53 -21.22 34.73
C SER A 181 -6.11 -20.86 36.09
N PHE A 182 -5.74 -19.70 36.64
CA PHE A 182 -6.23 -19.22 37.92
C PHE A 182 -6.51 -17.73 37.74
N MET A 183 -7.77 -17.41 37.47
CA MET A 183 -8.21 -16.05 37.17
C MET A 183 -9.22 -15.56 38.20
N MET A 184 -9.25 -14.24 38.36
CA MET A 184 -10.08 -13.53 39.31
C MET A 184 -11.57 -13.81 39.07
N THR A 185 -12.39 -13.42 40.04
CA THR A 185 -13.82 -13.77 39.96
C THR A 185 -14.56 -13.24 38.72
N PRO A 186 -14.24 -12.09 38.09
CA PRO A 186 -15.02 -11.71 36.91
C PRO A 186 -14.95 -12.76 35.82
N TYR A 187 -13.75 -13.26 35.56
CA TYR A 187 -13.53 -14.24 34.50
C TYR A 187 -13.91 -15.63 35.00
N VAL A 188 -13.90 -16.57 34.05
CA VAL A 188 -14.19 -17.97 34.33
C VAL A 188 -13.07 -18.81 33.70
N VAL A 189 -12.61 -19.82 34.41
CA VAL A 189 -11.56 -20.70 33.92
C VAL A 189 -12.19 -22.01 33.43
N THR A 190 -12.19 -22.20 32.12
CA THR A 190 -12.64 -23.43 31.48
C THR A 190 -11.48 -24.05 30.71
N ARG A 191 -11.00 -25.20 31.17
CA ARG A 191 -9.83 -25.84 30.58
C ARG A 191 -10.16 -26.90 29.54
N TYR A 192 -11.41 -27.41 29.50
CA TYR A 192 -11.78 -28.51 28.63
C TYR A 192 -11.39 -28.24 27.18
N TYR A 193 -11.37 -26.98 26.76
CA TYR A 193 -11.13 -26.60 25.37
C TYR A 193 -9.83 -25.80 25.18
N ARG A 194 -8.96 -25.76 26.19
CA ARG A 194 -7.73 -24.98 26.09
C ARG A 194 -6.65 -25.76 25.33
N ALA A 195 -5.79 -25.01 24.66
CA ALA A 195 -4.72 -25.55 23.84
C ALA A 195 -3.54 -26.01 24.69
N PRO A 196 -2.63 -26.81 24.12
CA PRO A 196 -1.43 -27.18 24.87
C PRO A 196 -0.55 -25.98 25.22
N GLU A 197 -0.35 -25.06 24.28
CA GLU A 197 0.53 -23.92 24.53
C GLU A 197 0.09 -23.14 25.76
N VAL A 198 -1.21 -22.85 25.88
CA VAL A 198 -1.67 -22.12 27.05
C VAL A 198 -1.49 -22.96 28.31
N ILE A 199 -1.58 -24.29 28.20
CA ILE A 199 -1.36 -25.15 29.35
C ILE A 199 0.12 -25.44 29.57
N LEU A 200 0.98 -25.06 28.61
CA LEU A 200 2.41 -25.30 28.73
C LEU A 200 3.22 -24.01 28.67
N GLY A 201 2.57 -22.86 28.85
CA GLY A 201 3.25 -21.58 28.92
C GLY A 201 4.13 -21.24 27.73
N MET A 202 3.99 -21.99 26.63
CA MET A 202 4.87 -21.79 25.48
C MET A 202 4.67 -20.43 24.85
N GLY A 203 3.43 -19.97 24.80
CA GLY A 203 3.08 -18.74 24.12
C GLY A 203 2.02 -19.04 23.09
N TYR A 204 1.28 -18.02 22.65
CA TYR A 204 0.15 -18.24 21.76
C TYR A 204 0.26 -17.35 20.53
N LYS A 205 -0.16 -17.90 19.40
CA LYS A 205 -0.37 -17.17 18.16
C LYS A 205 -1.83 -17.39 17.77
N GLU A 206 -2.22 -16.89 16.59
CA GLU A 206 -3.64 -16.87 16.24
C GLU A 206 -4.24 -18.26 16.14
N ASN A 207 -3.45 -19.28 15.80
CA ASN A 207 -4.01 -20.61 15.60
C ASN A 207 -4.43 -21.30 16.91
N VAL A 208 -4.25 -20.68 18.07
CA VAL A 208 -4.69 -21.31 19.32
C VAL A 208 -6.19 -21.53 19.30
N ASP A 209 -6.95 -20.58 18.74
CA ASP A 209 -8.40 -20.70 18.73
C ASP A 209 -8.85 -21.83 17.83
N ILE A 210 -8.03 -22.19 16.84
CA ILE A 210 -8.32 -23.34 15.98
C ILE A 210 -8.39 -24.61 16.81
N TRP A 211 -7.53 -24.72 17.83
CA TRP A 211 -7.56 -25.90 18.70
C TRP A 211 -8.90 -26.03 19.42
N SER A 212 -9.43 -24.91 19.91
CA SER A 212 -10.68 -24.96 20.67
C SER A 212 -11.84 -25.47 19.81
N VAL A 213 -11.92 -25.01 18.56
CA VAL A 213 -13.03 -25.45 17.70
C VAL A 213 -12.91 -26.94 17.42
N GLY A 214 -11.68 -27.46 17.33
CA GLY A 214 -11.49 -28.89 17.13
C GLY A 214 -12.05 -29.70 18.27
N CYS A 215 -11.85 -29.24 19.51
CA CYS A 215 -12.45 -29.92 20.64
C CYS A 215 -13.97 -29.79 20.63
N ILE A 216 -14.47 -28.63 20.18
CA ILE A 216 -15.92 -28.44 20.10
C ILE A 216 -16.50 -29.30 18.98
N MET A 217 -15.83 -29.34 17.82
CA MET A 217 -16.33 -30.17 16.72
C MET A 217 -16.35 -31.63 17.12
N GLY A 218 -15.28 -32.10 17.75
CA GLY A 218 -15.25 -33.48 18.21
C GLY A 218 -16.29 -33.75 19.28
N GLU A 219 -16.56 -32.75 20.12
CA GLU A 219 -17.57 -32.92 21.16
C GLU A 219 -18.96 -33.11 20.55
N MET A 220 -19.26 -32.39 19.47
CA MET A 220 -20.54 -32.58 18.79
C MET A 220 -20.68 -34.02 18.31
N ILE A 221 -19.62 -34.53 17.69
CA ILE A 221 -19.65 -35.89 17.16
C ILE A 221 -19.66 -36.90 18.30
N LYS A 222 -18.73 -36.78 19.24
CA LYS A 222 -18.62 -37.79 20.28
C LYS A 222 -19.82 -37.73 21.23
N GLY A 223 -20.32 -36.53 21.52
CA GLY A 223 -21.41 -36.35 22.45
C GLY A 223 -20.98 -36.00 23.85
N GLY A 224 -19.68 -35.82 24.08
CA GLY A 224 -19.16 -35.46 25.39
C GLY A 224 -17.84 -34.73 25.22
N VAL A 225 -17.36 -34.21 26.34
CA VAL A 225 -16.08 -33.50 26.33
C VAL A 225 -14.97 -34.43 25.86
N LEU A 226 -14.15 -33.94 24.92
CA LEU A 226 -13.06 -34.76 24.40
C LEU A 226 -12.00 -35.00 25.47
N PHE A 227 -11.61 -33.96 26.19
CA PHE A 227 -10.54 -34.01 27.18
C PHE A 227 -11.07 -33.54 28.53
N PRO A 228 -11.73 -34.41 29.29
CA PRO A 228 -12.18 -34.00 30.63
C PRO A 228 -11.10 -34.20 31.69
N GLY A 229 -10.50 -33.08 32.12
CA GLY A 229 -9.44 -33.10 33.13
C GLY A 229 -9.94 -32.52 34.43
N THR A 230 -9.75 -33.28 35.51
CA THR A 230 -10.25 -32.81 36.81
C THR A 230 -9.52 -31.56 37.28
N ASP A 231 -8.26 -31.39 36.90
CA ASP A 231 -7.46 -30.28 37.41
C ASP A 231 -6.62 -29.71 36.27
N HIS A 232 -5.61 -28.91 36.65
CA HIS A 232 -4.74 -28.25 35.68
C HIS A 232 -3.95 -29.27 34.86
N ILE A 233 -3.34 -30.26 35.51
CA ILE A 233 -2.44 -31.16 34.80
C ILE A 233 -3.09 -32.50 34.41
N ASP A 234 -4.23 -32.86 35.00
CA ASP A 234 -4.98 -33.98 34.45
C ASP A 234 -5.51 -33.64 33.06
N GLN A 235 -5.81 -32.36 32.82
CA GLN A 235 -6.16 -31.92 31.48
C GLN A 235 -5.06 -32.27 30.49
N TRP A 236 -3.80 -31.99 30.86
CA TRP A 236 -2.68 -32.25 29.97
C TRP A 236 -2.50 -33.75 29.73
N ASN A 237 -2.76 -34.57 30.74
CA ASN A 237 -2.59 -36.02 30.57
C ASN A 237 -3.59 -36.57 29.57
N LYS A 238 -4.81 -36.04 29.58
CA LYS A 238 -5.84 -36.52 28.66
C LYS A 238 -5.50 -36.20 27.21
N VAL A 239 -4.88 -35.05 26.96
CA VAL A 239 -4.60 -34.64 25.58
C VAL A 239 -3.63 -35.61 24.93
N ILE A 240 -2.49 -35.89 25.59
CA ILE A 240 -1.50 -36.77 25.01
C ILE A 240 -1.92 -38.23 25.09
N GLU A 241 -2.83 -38.56 26.00
CA GLU A 241 -3.26 -39.94 26.17
C GLU A 241 -3.95 -40.48 24.92
N GLN A 242 -4.70 -39.62 24.22
CA GLN A 242 -5.42 -40.02 23.02
C GLN A 242 -4.79 -39.51 21.74
N LEU A 243 -4.35 -38.25 21.73
CA LEU A 243 -3.70 -37.70 20.55
C LEU A 243 -2.30 -38.26 20.38
N GLY A 244 -1.62 -38.57 21.48
CA GLY A 244 -0.30 -39.15 21.42
C GLY A 244 0.78 -38.27 22.03
N THR A 245 1.91 -38.88 22.38
CA THR A 245 3.01 -38.15 22.98
C THR A 245 3.68 -37.28 21.91
N PRO A 246 4.01 -36.03 22.24
CA PRO A 246 4.57 -35.14 21.22
C PRO A 246 5.93 -35.62 20.72
N CYS A 247 6.34 -35.03 19.57
CA CYS A 247 7.56 -35.35 18.83
C CYS A 247 8.73 -34.50 19.30
N PRO A 248 9.97 -34.93 19.03
CA PRO A 248 11.13 -34.27 19.64
C PRO A 248 11.26 -32.78 19.38
N GLU A 249 11.03 -32.32 18.14
CA GLU A 249 11.23 -30.90 17.84
C GLU A 249 10.34 -30.02 18.70
N PHE A 250 9.14 -30.48 19.03
CA PHE A 250 8.21 -29.67 19.83
C PHE A 250 8.71 -29.49 21.25
N MET A 251 9.12 -30.57 21.91
CA MET A 251 9.51 -30.47 23.32
C MET A 251 10.81 -29.73 23.54
N LYS A 252 11.56 -29.43 22.48
CA LYS A 252 12.82 -28.72 22.63
C LYS A 252 12.61 -27.29 23.13
N LYS A 253 11.63 -26.58 22.56
CA LYS A 253 11.47 -25.17 22.84
C LYS A 253 10.79 -24.87 24.18
N LEU A 254 10.27 -25.87 24.88
CA LEU A 254 9.62 -25.58 26.15
C LEU A 254 10.67 -25.20 27.18
N GLN A 255 10.29 -24.29 28.08
CA GLN A 255 11.17 -23.88 29.16
C GLN A 255 11.51 -25.09 30.05
N PRO A 256 12.71 -25.10 30.64
CA PRO A 256 13.21 -26.34 31.27
C PRO A 256 12.33 -26.89 32.38
N THR A 257 11.79 -26.04 33.26
CA THR A 257 11.03 -26.56 34.39
C THR A 257 9.82 -27.37 33.95
N VAL A 258 9.31 -27.14 32.74
CA VAL A 258 8.17 -27.88 32.24
C VAL A 258 8.57 -28.89 31.16
N ARG A 259 9.68 -28.64 30.45
CA ARG A 259 10.19 -29.62 29.49
C ARG A 259 10.44 -30.96 30.15
N THR A 260 10.91 -30.95 31.40
CA THR A 260 11.21 -32.18 32.11
C THR A 260 9.94 -32.99 32.41
N TYR A 261 8.91 -32.31 32.91
CA TYR A 261 7.64 -33.00 33.21
C TYR A 261 7.13 -33.72 31.98
N VAL A 262 7.32 -33.11 30.80
CA VAL A 262 6.91 -33.73 29.55
C VAL A 262 7.76 -34.97 29.27
N GLU A 263 9.09 -34.83 29.36
CA GLU A 263 9.99 -35.94 29.04
C GLU A 263 9.86 -37.05 30.07
N ASN A 264 9.42 -36.72 31.28
CA ASN A 264 9.31 -37.68 32.38
C ASN A 264 8.01 -38.47 32.38
N ARG A 265 6.90 -37.87 31.94
CA ARG A 265 5.61 -38.54 32.03
C ARG A 265 5.57 -39.76 31.11
N PRO A 266 4.80 -40.79 31.50
CA PRO A 266 4.75 -42.02 30.71
C PRO A 266 4.41 -41.75 29.27
N LYS A 267 5.14 -42.40 28.37
CA LYS A 267 4.93 -42.16 26.95
C LYS A 267 3.70 -42.94 26.49
N TYR A 268 2.93 -42.31 25.62
CA TYR A 268 1.70 -42.87 25.09
C TYR A 268 1.80 -42.85 23.58
N ALA A 269 1.51 -43.99 22.94
CA ALA A 269 1.49 -44.00 21.48
C ALA A 269 0.32 -43.19 20.96
N GLY A 270 -0.82 -43.29 21.62
CA GLY A 270 -1.96 -42.50 21.20
C GLY A 270 -2.83 -43.23 20.20
N TYR A 271 -4.13 -42.98 20.29
CA TYR A 271 -5.04 -43.64 19.36
C TYR A 271 -5.09 -42.85 18.07
N SER A 272 -5.45 -43.56 16.99
CA SER A 272 -5.65 -42.93 15.70
C SER A 272 -7.05 -42.30 15.65
N PHE A 273 -7.17 -41.22 14.88
CA PHE A 273 -8.47 -40.59 14.71
C PHE A 273 -9.48 -41.57 14.13
N GLU A 274 -9.03 -42.55 13.34
CA GLU A 274 -9.95 -43.51 12.72
C GLU A 274 -10.73 -44.29 13.78
N LYS A 275 -10.05 -44.70 14.85
CA LYS A 275 -10.74 -45.34 15.96
C LYS A 275 -11.20 -44.34 17.01
N LEU A 276 -10.59 -43.16 17.08
CA LEU A 276 -11.10 -42.12 17.97
C LEU A 276 -12.45 -41.61 17.48
N PHE A 277 -12.61 -41.45 16.17
CA PHE A 277 -13.86 -41.00 15.56
C PHE A 277 -14.28 -41.96 14.47
N PRO A 278 -14.81 -43.13 14.84
CA PRO A 278 -15.21 -44.11 13.82
C PRO A 278 -16.50 -43.69 13.14
N ASP A 279 -16.74 -44.31 11.97
CA ASP A 279 -17.93 -44.01 11.17
C ASP A 279 -19.23 -44.38 11.87
N VAL A 280 -19.19 -45.32 12.82
CA VAL A 280 -20.41 -45.85 13.42
C VAL A 280 -21.26 -44.75 14.02
N LEU A 281 -20.66 -43.88 14.85
CA LEU A 281 -21.44 -42.79 15.43
C LEU A 281 -21.94 -41.83 14.36
N PHE A 282 -21.20 -41.68 13.26
CA PHE A 282 -21.58 -40.73 12.24
C PHE A 282 -22.78 -41.31 11.50
N PRO A 283 -23.42 -40.54 10.64
CA PRO A 283 -24.41 -41.16 9.76
C PRO A 283 -23.67 -42.16 8.90
N ALA A 284 -24.28 -43.32 8.71
CA ALA A 284 -23.59 -44.41 8.05
C ALA A 284 -24.35 -45.06 6.91
N ASP A 285 -25.65 -44.80 6.77
CA ASP A 285 -26.38 -45.43 5.68
C ASP A 285 -25.90 -44.93 4.33
N SER A 286 -25.67 -43.63 4.19
CA SER A 286 -25.22 -43.08 2.93
C SER A 286 -23.71 -43.23 2.78
N GLU A 287 -23.27 -43.50 1.55
CA GLU A 287 -21.84 -43.45 1.26
C GLU A 287 -21.34 -42.02 1.41
N HIS A 288 -22.12 -41.06 0.93
CA HIS A 288 -21.78 -39.65 1.06
C HIS A 288 -21.61 -39.28 2.54
N ASN A 289 -22.51 -39.77 3.40
CA ASN A 289 -22.39 -39.50 4.82
C ASN A 289 -21.09 -40.06 5.38
N LYS A 290 -20.69 -41.26 4.91
CA LYS A 290 -19.39 -41.80 5.30
C LYS A 290 -18.27 -40.96 4.70
N LEU A 291 -18.45 -40.50 3.46
CA LEU A 291 -17.43 -39.68 2.82
C LEU A 291 -17.27 -38.35 3.54
N LYS A 292 -18.39 -37.68 3.86
CA LYS A 292 -18.28 -36.42 4.58
C LYS A 292 -17.69 -36.63 5.96
N ALA A 293 -17.89 -37.82 6.55
CA ALA A 293 -17.18 -38.17 7.77
C ALA A 293 -15.68 -38.21 7.52
N SER A 294 -15.27 -38.79 6.38
CA SER A 294 -13.86 -38.82 6.03
C SER A 294 -13.32 -37.40 5.87
N GLN A 295 -14.12 -36.49 5.33
CA GLN A 295 -13.71 -35.09 5.25
C GLN A 295 -13.65 -34.47 6.64
N ALA A 296 -14.52 -34.90 7.56
CA ALA A 296 -14.51 -34.37 8.92
C ALA A 296 -13.31 -34.85 9.72
N ARG A 297 -13.00 -36.15 9.67
CA ARG A 297 -11.91 -36.68 10.47
C ARG A 297 -10.56 -36.08 10.08
N ASP A 298 -10.35 -35.87 8.78
CA ASP A 298 -9.09 -35.27 8.35
C ASP A 298 -8.99 -33.83 8.86
N LEU A 299 -10.10 -33.11 8.87
CA LEU A 299 -10.09 -31.76 9.40
C LEU A 299 -9.72 -31.77 10.87
N LEU A 300 -10.32 -32.69 11.65
CA LEU A 300 -9.96 -32.84 13.06
C LEU A 300 -8.50 -33.20 13.21
N SER A 301 -7.96 -34.00 12.29
CA SER A 301 -6.55 -34.35 12.32
C SER A 301 -5.68 -33.13 12.08
N LYS A 302 -6.16 -32.18 11.29
CA LYS A 302 -5.33 -31.05 10.89
C LYS A 302 -5.45 -29.85 11.83
N MET A 303 -6.45 -29.81 12.72
CA MET A 303 -6.54 -28.74 13.70
C MET A 303 -6.18 -29.18 15.10
N LEU A 304 -6.47 -30.43 15.47
CA LEU A 304 -6.10 -30.95 16.78
C LEU A 304 -4.65 -31.44 16.68
N VAL A 305 -3.75 -30.48 16.52
CA VAL A 305 -2.32 -30.73 16.41
C VAL A 305 -1.63 -29.96 17.51
N ILE A 306 -0.76 -30.63 18.27
CA ILE A 306 -0.14 -29.98 19.41
C ILE A 306 0.85 -28.91 18.97
N ASP A 307 1.63 -29.17 17.93
CA ASP A 307 2.55 -28.13 17.45
C ASP A 307 1.73 -27.12 16.67
N ALA A 308 1.54 -25.94 17.26
CA ALA A 308 0.73 -24.91 16.64
C ALA A 308 1.34 -24.43 15.33
N SER A 309 2.67 -24.53 15.17
CA SER A 309 3.31 -24.05 13.96
C SER A 309 2.93 -24.91 12.77
N LYS A 310 2.58 -26.18 13.00
CA LYS A 310 2.14 -27.08 11.94
C LYS A 310 0.63 -27.31 11.97
N ARG A 311 -0.10 -26.54 12.76
CA ARG A 311 -1.55 -26.61 12.87
C ARG A 311 -2.19 -25.76 11.78
N ILE A 312 -3.38 -26.17 11.34
CA ILE A 312 -4.02 -25.45 10.24
C ILE A 312 -4.38 -24.05 10.69
N SER A 313 -4.25 -23.11 9.76
CA SER A 313 -4.61 -21.73 9.97
C SER A 313 -6.12 -21.56 9.80
N VAL A 314 -6.62 -20.44 10.33
CA VAL A 314 -8.04 -20.14 10.21
C VAL A 314 -8.45 -19.98 8.75
N ASP A 315 -7.58 -19.37 7.95
CA ASP A 315 -7.87 -19.18 6.53
C ASP A 315 -7.91 -20.51 5.78
N GLU A 316 -6.95 -21.40 6.07
CA GLU A 316 -6.91 -22.69 5.39
C GLU A 316 -8.09 -23.59 5.79
N ALA A 317 -8.56 -23.47 7.03
CA ALA A 317 -9.72 -24.25 7.45
C ALA A 317 -10.98 -23.82 6.70
N LEU A 318 -11.10 -22.54 6.37
CA LEU A 318 -12.29 -22.06 5.68
C LEU A 318 -12.42 -22.63 4.27
N GLN A 319 -11.30 -22.88 3.61
CA GLN A 319 -11.31 -23.46 2.26
C GLN A 319 -11.17 -24.99 2.28
N HIS A 320 -11.34 -25.61 3.45
CA HIS A 320 -11.31 -27.06 3.53
C HIS A 320 -12.59 -27.63 2.91
N PRO A 321 -12.51 -28.80 2.27
CA PRO A 321 -13.71 -29.38 1.65
C PRO A 321 -14.91 -29.48 2.58
N TYR A 322 -14.68 -29.73 3.87
CA TYR A 322 -15.78 -29.81 4.81
C TYR A 322 -16.44 -28.45 5.04
N ILE A 323 -15.69 -27.37 4.90
CA ILE A 323 -16.17 -26.03 5.23
C ILE A 323 -16.36 -25.13 4.01
N ASN A 324 -15.69 -25.43 2.89
CA ASN A 324 -15.70 -24.53 1.75
C ASN A 324 -17.06 -24.41 1.06
N VAL A 325 -17.97 -25.36 1.26
CA VAL A 325 -19.25 -25.30 0.56
C VAL A 325 -20.04 -24.05 0.96
N TRP A 326 -19.86 -23.55 2.17
CA TRP A 326 -20.60 -22.38 2.64
C TRP A 326 -19.87 -21.07 2.42
N TYR A 327 -18.75 -21.08 1.72
CA TYR A 327 -17.92 -19.88 1.65
C TYR A 327 -18.67 -18.77 0.93
N ASP A 328 -19.01 -17.72 1.67
CA ASP A 328 -19.59 -16.49 1.12
C ASP A 328 -18.75 -15.35 1.65
N PRO A 329 -18.14 -14.54 0.78
CA PRO A 329 -17.20 -13.51 1.27
C PRO A 329 -17.81 -12.52 2.25
N SER A 330 -19.12 -12.32 2.22
CA SER A 330 -19.73 -11.36 3.14
C SER A 330 -19.44 -11.74 4.59
N GLU A 331 -19.61 -13.02 4.93
CA GLU A 331 -19.31 -13.47 6.28
C GLU A 331 -17.81 -13.53 6.56
N ALA A 332 -17.02 -14.08 5.63
CA ALA A 332 -15.59 -14.26 5.85
C ALA A 332 -14.74 -13.05 5.48
N GLU A 333 -14.93 -12.49 4.29
CA GLU A 333 -14.08 -11.40 3.79
C GLU A 333 -14.68 -10.03 4.11
N ALA A 334 -15.27 -9.94 5.28
CA ALA A 334 -15.91 -8.74 5.79
C ALA A 334 -14.85 -7.66 6.11
N PRO A 335 -15.25 -6.38 6.11
CA PRO A 335 -14.30 -5.29 6.42
C PRO A 335 -13.80 -5.40 7.85
N PRO A 336 -12.50 -5.23 8.07
CA PRO A 336 -11.91 -5.41 9.41
C PRO A 336 -12.45 -4.42 10.42
N PRO A 337 -12.65 -4.86 11.67
CA PRO A 337 -13.10 -3.99 12.76
C PRO A 337 -11.99 -3.12 13.34
N LYS A 338 -12.32 -1.85 13.57
CA LYS A 338 -11.42 -0.86 14.15
C LYS A 338 -11.96 -0.40 15.51
N ILE A 339 -11.12 -0.47 16.53
CA ILE A 339 -11.49 -0.17 17.91
C ILE A 339 -11.19 1.29 18.26
N PRO A 340 -12.15 2.00 18.87
CA PRO A 340 -11.97 3.46 19.06
C PRO A 340 -10.92 3.89 20.09
N ASP A 341 -11.00 3.46 21.34
CA ASP A 341 -10.02 3.90 22.32
C ASP A 341 -9.14 2.73 22.78
N LYS A 342 -8.77 1.87 21.83
CA LYS A 342 -7.97 0.68 22.03
C LYS A 342 -6.48 0.94 22.09
N GLN A 343 -6.00 2.08 21.57
CA GLN A 343 -4.58 2.39 21.63
C GLN A 343 -4.01 2.03 22.99
N LEU A 344 -4.73 2.40 24.05
CA LEU A 344 -4.36 2.05 25.42
C LEU A 344 -5.23 0.96 26.01
N ASP A 345 -5.80 0.09 25.16
CA ASP A 345 -6.70 -0.95 25.64
C ASP A 345 -5.96 -2.04 26.40
N GLU A 346 -4.65 -1.93 26.47
CA GLU A 346 -3.78 -2.84 27.19
C GLU A 346 -3.28 -2.25 28.50
N ARG A 347 -4.06 -1.38 29.13
CA ARG A 347 -3.59 -0.70 30.33
C ARG A 347 -4.71 -0.50 31.33
N GLU A 348 -4.30 -0.46 32.60
CA GLU A 348 -5.14 -0.32 33.77
C GLU A 348 -4.99 1.06 34.37
N HIS A 349 -5.96 1.46 35.19
CA HIS A 349 -6.03 2.81 35.72
C HIS A 349 -6.78 2.79 37.04
N THR A 350 -7.12 3.97 37.54
CA THR A 350 -7.78 4.11 38.82
C THR A 350 -9.22 3.61 38.74
N ILE A 351 -9.72 3.11 39.87
CA ILE A 351 -11.09 2.64 39.92
C ILE A 351 -12.05 3.79 39.61
N GLU A 352 -11.80 4.96 40.21
CA GLU A 352 -12.63 6.12 39.92
C GLU A 352 -12.50 6.51 38.45
N GLU A 353 -11.28 6.48 37.90
CA GLU A 353 -11.10 6.73 36.47
C GLU A 353 -11.70 5.60 35.65
N TRP A 354 -11.54 4.35 36.11
CA TRP A 354 -12.24 3.23 35.48
C TRP A 354 -13.74 3.48 35.46
N LYS A 355 -14.27 3.97 36.58
CA LYS A 355 -15.70 4.25 36.70
C LYS A 355 -16.17 5.34 35.73
N GLU A 356 -15.35 6.37 35.50
CA GLU A 356 -15.80 7.45 34.62
C GLU A 356 -15.85 6.99 33.17
N LEU A 357 -14.87 6.20 32.75
CA LEU A 357 -14.77 5.80 31.35
C LEU A 357 -15.95 4.91 30.96
N ILE A 358 -16.34 3.99 31.83
CA ILE A 358 -17.45 3.10 31.50
C ILE A 358 -18.75 3.92 31.40
N TYR A 359 -18.92 4.91 32.28
CA TYR A 359 -20.09 5.79 32.20
C TYR A 359 -20.09 6.56 30.88
N LYS A 360 -18.93 7.04 30.43
CA LYS A 360 -18.88 7.81 29.20
C LYS A 360 -19.04 6.93 27.97
N GLU A 361 -18.62 5.67 28.05
CA GLU A 361 -18.84 4.78 26.92
C GLU A 361 -20.32 4.43 26.78
N VAL A 362 -21.07 4.40 27.88
CA VAL A 362 -22.50 4.18 27.78
C VAL A 362 -23.30 5.47 27.53
N MET A 363 -22.83 6.61 28.03
CA MET A 363 -23.56 7.87 27.93
C MET A 363 -23.46 8.57 26.57
N ASP A 364 -22.65 8.08 25.63
CA ASP A 364 -22.55 8.69 24.30
C ASP A 364 -22.87 7.64 23.25
N LEU A 365 -24.14 7.56 22.86
CA LEU A 365 -24.59 6.59 21.87
C LEU A 365 -25.72 7.16 21.02
N ASP B 9 -0.68 61.70 -19.55
CA ASP B 9 0.25 62.24 -18.57
C ASP B 9 0.53 61.22 -17.48
N ASN B 10 -0.13 61.40 -16.34
CA ASN B 10 -0.03 60.45 -15.23
C ASN B 10 -1.16 59.43 -15.37
N ASN B 11 -0.81 58.18 -15.62
CA ASN B 11 -1.80 57.12 -15.62
C ASN B 11 -1.93 56.44 -14.26
N PHE B 12 -1.29 57.00 -13.24
CA PHE B 12 -1.22 56.43 -11.90
C PHE B 12 -1.76 57.43 -10.87
N TYR B 13 -2.53 56.95 -9.90
CA TYR B 13 -3.03 57.80 -8.81
C TYR B 13 -2.87 57.11 -7.46
N SER B 14 -2.87 57.90 -6.39
CA SER B 14 -2.55 57.41 -5.05
C SER B 14 -3.62 57.74 -4.01
N VAL B 15 -3.68 56.90 -2.97
CA VAL B 15 -4.51 57.09 -1.78
C VAL B 15 -3.70 56.56 -0.60
N GLU B 16 -3.84 57.19 0.57
CA GLU B 16 -3.00 56.87 1.74
C GLU B 16 -3.62 55.79 2.61
N ILE B 17 -3.62 54.56 2.09
CA ILE B 17 -4.09 53.38 2.83
C ILE B 17 -2.90 52.74 3.53
N GLY B 18 -3.17 52.07 4.65
CA GLY B 18 -2.12 51.42 5.42
C GLY B 18 -1.24 52.36 6.21
N ASP B 19 -1.71 53.57 6.46
CA ASP B 19 -1.09 54.61 7.27
C ASP B 19 0.13 55.22 6.58
N SER B 20 0.33 54.91 5.30
CA SER B 20 1.41 55.48 4.49
C SER B 20 0.99 55.40 3.03
N THR B 21 1.88 55.84 2.15
CA THR B 21 1.56 56.00 0.73
C THR B 21 1.12 54.69 0.06
N PHE B 22 0.15 54.81 -0.84
CA PHE B 22 -0.27 53.73 -1.74
C PHE B 22 -0.64 54.41 -3.05
N THR B 23 0.13 54.12 -4.10
CA THR B 23 -0.08 54.66 -5.44
C THR B 23 -0.40 53.52 -6.39
N VAL B 24 -1.35 53.75 -7.31
CA VAL B 24 -1.86 52.69 -8.17
C VAL B 24 -2.21 53.28 -9.54
N LEU B 25 -2.30 52.41 -10.55
CA LEU B 25 -2.72 52.87 -11.88
C LEU B 25 -4.14 53.38 -11.78
N LYS B 26 -4.60 54.12 -12.78
CA LYS B 26 -5.95 54.75 -12.75
C LYS B 26 -7.00 53.78 -13.31
N ARG B 27 -6.61 52.85 -14.17
CA ARG B 27 -7.55 51.83 -14.74
C ARG B 27 -8.24 51.10 -13.60
N TYR B 28 -7.59 50.98 -12.45
CA TYR B 28 -8.14 50.29 -11.28
C TYR B 28 -8.69 51.38 -10.38
N GLN B 29 -9.97 51.25 -10.03
CA GLN B 29 -10.68 52.34 -9.36
C GLN B 29 -11.48 51.80 -8.18
N ASN B 30 -11.92 52.74 -7.35
CA ASN B 30 -12.72 52.46 -6.15
C ASN B 30 -12.02 51.44 -5.26
N LEU B 31 -10.72 51.65 -5.08
CA LEU B 31 -9.92 50.76 -4.26
C LEU B 31 -10.51 50.66 -2.86
N LYS B 32 -10.64 49.44 -2.37
CA LYS B 32 -11.14 49.18 -1.03
C LYS B 32 -10.15 48.26 -0.34
N PRO B 33 -9.78 48.53 0.91
CA PRO B 33 -8.73 47.73 1.55
C PRO B 33 -9.24 46.38 2.04
N ILE B 34 -8.51 45.32 1.71
CA ILE B 34 -8.82 44.00 2.31
C ILE B 34 -7.89 43.88 3.53
N GLY B 35 -8.34 44.33 4.70
CA GLY B 35 -7.47 44.34 5.88
C GLY B 35 -6.92 42.98 6.27
N SER B 36 -7.77 41.94 6.25
CA SER B 36 -7.30 40.59 6.59
C SER B 36 -6.55 40.74 7.91
N GLY B 37 -5.31 40.28 8.02
CA GLY B 37 -4.48 40.54 9.17
C GLY B 37 -3.66 41.80 9.06
N ALA B 38 -3.77 42.49 7.92
CA ALA B 38 -3.09 43.72 7.50
C ALA B 38 -1.70 43.40 6.97
N GLN B 39 -1.32 42.12 6.88
CA GLN B 39 0.01 41.75 6.41
C GLN B 39 0.00 41.72 4.89
N GLY B 40 0.99 42.36 4.29
CA GLY B 40 0.99 42.57 2.86
C GLY B 40 0.07 43.74 2.64
N ILE B 41 0.30 44.56 1.63
CA ILE B 41 -0.55 45.71 1.37
C ILE B 41 -1.50 45.29 0.26
N VAL B 42 -2.71 44.93 0.66
CA VAL B 42 -3.69 44.34 -0.23
C VAL B 42 -4.98 45.15 -0.18
N CYS B 43 -5.56 45.38 -1.36
CA CYS B 43 -6.78 46.14 -1.48
C CYS B 43 -7.63 45.58 -2.62
N ALA B 44 -8.94 45.75 -2.50
CA ALA B 44 -9.85 45.37 -3.57
C ALA B 44 -10.03 46.55 -4.52
N ALA B 45 -10.23 46.24 -5.80
CA ALA B 45 -10.33 47.31 -6.78
C ALA B 45 -11.14 46.80 -7.96
N TYR B 46 -11.53 47.74 -8.84
CA TYR B 46 -12.27 47.43 -10.05
C TYR B 46 -11.41 47.80 -11.25
N ASP B 47 -11.19 46.82 -12.12
CA ASP B 47 -10.44 47.04 -13.36
C ASP B 47 -11.45 47.29 -14.47
N ALA B 48 -11.36 48.49 -15.08
CA ALA B 48 -12.33 48.91 -16.08
C ALA B 48 -12.10 48.25 -17.44
N ILE B 49 -10.83 48.12 -17.85
CA ILE B 49 -10.52 47.64 -19.20
C ILE B 49 -11.08 46.23 -19.42
N LEU B 50 -10.94 45.34 -18.44
CA LEU B 50 -11.51 44.01 -18.54
C LEU B 50 -12.80 43.82 -17.73
N GLU B 51 -13.31 44.90 -17.13
CA GLU B 51 -14.58 44.88 -16.38
C GLU B 51 -14.62 43.78 -15.33
N ARG B 52 -13.67 43.82 -14.40
CA ARG B 52 -13.59 42.80 -13.37
C ARG B 52 -12.94 43.41 -12.13
N ASN B 53 -13.47 43.05 -10.97
CA ASN B 53 -12.84 43.40 -9.71
C ASN B 53 -11.60 42.54 -9.50
N VAL B 54 -10.51 43.19 -9.06
CA VAL B 54 -9.21 42.55 -8.99
C VAL B 54 -8.59 42.83 -7.63
N ALA B 55 -7.59 42.02 -7.28
CA ALA B 55 -6.85 42.16 -6.03
C ALA B 55 -5.44 42.64 -6.34
N ILE B 56 -4.97 43.62 -5.56
CA ILE B 56 -3.69 44.27 -5.81
C ILE B 56 -2.83 44.13 -4.56
N LYS B 57 -1.57 43.76 -4.75
CA LYS B 57 -0.59 43.63 -3.66
C LYS B 57 0.55 44.60 -3.91
N LYS B 58 1.01 45.27 -2.85
CA LYS B 58 2.14 46.18 -2.95
C LYS B 58 3.40 45.52 -2.42
N LEU B 59 4.39 45.33 -3.30
CA LEU B 59 5.70 44.85 -2.87
C LEU B 59 6.56 46.09 -2.61
N SER B 60 6.55 46.55 -1.37
CA SER B 60 7.27 47.76 -0.97
C SER B 60 8.74 47.41 -0.73
N ARG B 61 9.63 48.07 -1.46
CA ARG B 61 11.07 47.90 -1.32
C ARG B 61 11.44 46.43 -1.38
N PRO B 62 11.32 45.78 -2.53
CA PRO B 62 11.68 44.36 -2.59
C PRO B 62 13.14 44.15 -2.24
N PHE B 63 13.98 45.14 -2.53
CA PHE B 63 15.42 45.10 -2.31
C PHE B 63 15.80 45.61 -0.93
N GLN B 64 14.86 45.67 0.00
CA GLN B 64 15.13 46.20 1.34
C GLN B 64 16.17 45.34 2.05
N ASN B 65 16.11 44.03 1.81
CA ASN B 65 17.10 43.09 2.30
C ASN B 65 17.12 41.92 1.32
N GLN B 66 18.07 41.00 1.53
CA GLN B 66 18.21 39.88 0.60
C GLN B 66 17.01 38.95 0.71
N THR B 67 16.45 38.81 1.91
CA THR B 67 15.30 37.94 2.10
C THR B 67 14.07 38.52 1.38
N HIS B 68 13.89 39.84 1.45
CA HIS B 68 12.77 40.47 0.75
C HIS B 68 12.92 40.30 -0.76
N ALA B 69 14.13 40.51 -1.29
CA ALA B 69 14.34 40.48 -2.73
C ALA B 69 14.13 39.08 -3.30
N LYS B 70 14.74 38.07 -2.69
CA LYS B 70 14.65 36.71 -3.22
C LYS B 70 13.20 36.25 -3.34
N ARG B 71 12.37 36.62 -2.36
CA ARG B 71 10.95 36.25 -2.41
C ARG B 71 10.25 36.93 -3.58
N ALA B 72 10.47 38.23 -3.77
CA ALA B 72 9.76 38.96 -4.81
C ALA B 72 10.13 38.44 -6.20
N TYR B 73 11.41 38.17 -6.44
CA TYR B 73 11.82 37.67 -7.75
C TYR B 73 11.17 36.31 -8.04
N ARG B 74 11.13 35.43 -7.03
CA ARG B 74 10.63 34.09 -7.26
C ARG B 74 9.12 34.08 -7.52
N GLU B 75 8.36 34.82 -6.72
CA GLU B 75 6.91 34.83 -6.91
C GLU B 75 6.54 35.38 -8.27
N LEU B 76 7.24 36.42 -8.73
CA LEU B 76 6.89 37.06 -9.99
C LEU B 76 7.18 36.15 -11.17
N VAL B 77 8.36 35.53 -11.20
CA VAL B 77 8.72 34.69 -12.34
C VAL B 77 7.86 33.44 -12.38
N LEU B 78 7.55 32.88 -11.21
CA LEU B 78 6.77 31.65 -11.20
C LEU B 78 5.31 31.93 -11.53
N MET B 79 4.74 32.96 -10.92
CA MET B 79 3.33 33.31 -11.22
C MET B 79 3.23 33.56 -12.72
N LYS B 80 4.16 34.31 -13.27
CA LYS B 80 4.07 34.69 -14.68
C LYS B 80 4.18 33.47 -15.58
N CYS B 81 4.82 32.39 -15.10
CA CYS B 81 5.05 31.23 -15.93
C CYS B 81 4.26 30.00 -15.50
N VAL B 82 3.35 30.12 -14.53
CA VAL B 82 2.47 29.01 -14.15
C VAL B 82 1.04 29.47 -14.37
N ASN B 83 0.24 28.62 -14.99
CA ASN B 83 -1.18 28.88 -15.20
C ASN B 83 -1.92 27.58 -14.89
N HIS B 84 -2.56 27.54 -13.73
CA HIS B 84 -3.28 26.38 -13.25
C HIS B 84 -4.51 26.85 -12.50
N LYS B 85 -5.56 26.03 -12.54
CA LYS B 85 -6.84 26.44 -11.95
C LYS B 85 -6.76 26.55 -10.45
N ASN B 86 -5.93 25.73 -9.81
CA ASN B 86 -5.79 25.72 -8.35
C ASN B 86 -4.62 26.57 -7.88
N ILE B 87 -4.00 27.35 -8.77
CA ILE B 87 -2.94 28.29 -8.41
C ILE B 87 -3.31 29.68 -8.91
N ILE B 88 -3.12 30.68 -8.07
CA ILE B 88 -3.44 32.06 -8.44
C ILE B 88 -2.57 32.52 -9.62
N GLY B 89 -3.15 33.36 -10.47
CA GLY B 89 -2.46 33.85 -11.65
C GLY B 89 -2.26 35.35 -11.66
N LEU B 90 -1.30 35.82 -12.47
CA LEU B 90 -0.97 37.24 -12.57
C LEU B 90 -1.62 37.82 -13.82
N LEU B 91 -2.51 38.80 -13.62
CA LEU B 91 -3.15 39.48 -14.76
C LEU B 91 -2.25 40.55 -15.36
N ASN B 92 -1.66 41.39 -14.52
CA ASN B 92 -0.82 42.48 -15.01
C ASN B 92 0.19 42.83 -13.95
N VAL B 93 1.38 43.25 -14.38
CA VAL B 93 2.41 43.68 -13.45
C VAL B 93 2.89 45.07 -13.84
N PHE B 94 3.01 45.96 -12.85
CA PHE B 94 3.39 47.34 -13.11
C PHE B 94 4.03 47.96 -11.87
N THR B 95 4.72 49.07 -12.11
CA THR B 95 5.33 50.00 -11.19
C THR B 95 5.14 51.44 -11.65
N PRO B 96 4.63 52.32 -10.76
CA PRO B 96 4.36 53.70 -11.15
C PRO B 96 5.64 54.31 -11.73
N GLN B 97 6.78 54.05 -11.06
CA GLN B 97 8.06 54.65 -11.51
C GLN B 97 8.42 54.14 -12.90
N LYS B 98 9.12 54.94 -13.70
CA LYS B 98 9.60 54.52 -15.04
C LYS B 98 11.12 54.65 -15.03
N SER B 99 11.66 55.13 -13.91
CA SER B 99 13.13 55.25 -13.75
C SER B 99 13.58 54.23 -12.71
N LEU B 100 14.59 53.42 -13.02
CA LEU B 100 15.11 52.48 -11.99
C LEU B 100 15.70 53.30 -10.84
N GLU B 101 16.36 54.41 -11.16
CA GLU B 101 17.04 55.19 -10.09
C GLU B 101 16.01 55.58 -9.03
N GLU B 102 14.76 55.73 -9.43
CA GLU B 102 13.72 56.09 -8.47
C GLU B 102 12.78 54.92 -8.21
N PHE B 103 13.09 53.73 -8.73
CA PHE B 103 12.23 52.56 -8.57
C PHE B 103 12.39 52.00 -7.16
N GLN B 104 11.30 51.99 -6.40
CA GLN B 104 11.32 51.51 -5.03
C GLN B 104 10.22 50.51 -4.68
N ASP B 105 9.10 50.51 -5.40
CA ASP B 105 7.95 49.68 -5.04
C ASP B 105 7.36 49.09 -6.32
N VAL B 106 6.71 47.93 -6.16
CA VAL B 106 6.10 47.19 -7.26
C VAL B 106 4.69 46.76 -6.85
N TYR B 107 3.77 46.83 -7.82
CA TYR B 107 2.38 46.47 -7.59
C TYR B 107 2.01 45.28 -8.47
N ILE B 108 1.29 44.32 -7.88
CA ILE B 108 0.87 43.09 -8.54
C ILE B 108 -0.64 43.04 -8.49
N VAL B 109 -1.28 42.78 -9.63
CA VAL B 109 -2.72 42.63 -9.71
C VAL B 109 -3.04 41.20 -10.13
N MET B 110 -4.08 40.63 -9.51
CA MET B 110 -4.45 39.24 -9.75
C MET B 110 -5.96 39.10 -9.58
N GLU B 111 -6.46 37.91 -9.89
CA GLU B 111 -7.88 37.62 -9.80
C GLU B 111 -8.37 37.80 -8.37
N LEU B 112 -9.44 38.58 -8.21
CA LEU B 112 -10.03 38.72 -6.89
C LEU B 112 -10.80 37.45 -6.55
N MET B 113 -10.68 37.03 -5.31
CA MET B 113 -11.35 35.84 -4.78
C MET B 113 -12.23 36.26 -3.62
N ASP B 114 -13.26 35.45 -3.36
CA ASP B 114 -14.31 35.88 -2.43
C ASP B 114 -13.85 35.82 -0.98
N ALA B 115 -13.13 34.77 -0.58
CA ALA B 115 -12.79 34.61 0.83
C ALA B 115 -11.55 33.74 0.98
N ASN B 116 -11.09 33.64 2.23
CA ASN B 116 -10.00 32.77 2.64
C ASN B 116 -10.52 31.36 2.89
N LEU B 117 -9.59 30.39 2.87
CA LEU B 117 -9.99 29.04 3.27
C LEU B 117 -10.40 29.04 4.74
N CYS B 118 -9.81 29.91 5.53
CA CYS B 118 -10.10 30.03 6.97
C CYS B 118 -11.55 30.40 7.21
N GLN B 119 -12.04 31.42 6.52
CA GLN B 119 -13.43 31.89 6.66
C GLN B 119 -14.38 30.78 6.24
N VAL B 120 -14.05 30.08 5.16
CA VAL B 120 -14.88 28.95 4.64
C VAL B 120 -14.91 27.83 5.65
N ILE B 121 -13.80 27.58 6.35
CA ILE B 121 -13.71 26.49 7.35
C ILE B 121 -14.70 26.72 8.48
N GLN B 122 -14.90 27.96 8.88
CA GLN B 122 -15.85 28.24 9.97
C GLN B 122 -17.25 27.79 9.56
N MET B 123 -17.65 28.01 8.31
CA MET B 123 -19.00 27.58 7.85
C MET B 123 -19.04 26.06 7.81
N GLU B 124 -20.16 25.47 8.25
CA GLU B 124 -20.32 24.01 8.23
C GLU B 124 -20.42 23.60 6.77
N LEU B 125 -19.64 22.61 6.37
CA LEU B 125 -19.58 22.17 4.99
C LEU B 125 -20.18 20.76 4.87
N ASP B 126 -19.83 20.08 3.78
CA ASP B 126 -20.30 18.73 3.52
C ASP B 126 -19.14 17.93 2.95
N HIS B 127 -19.33 16.61 2.86
CA HIS B 127 -18.27 15.75 2.34
C HIS B 127 -17.90 16.13 0.92
N GLU B 128 -18.90 16.46 0.10
CA GLU B 128 -18.65 16.77 -1.32
C GLU B 128 -17.87 18.07 -1.47
N ARG B 129 -18.25 19.11 -0.73
CA ARG B 129 -17.52 20.37 -0.79
C ARG B 129 -16.15 20.24 -0.15
N MET B 130 -16.05 19.45 0.91
CA MET B 130 -14.76 19.25 1.58
C MET B 130 -13.80 18.49 0.69
N SER B 131 -14.25 17.37 0.11
CA SER B 131 -13.40 16.55 -0.74
C SER B 131 -12.93 17.34 -1.96
N TYR B 132 -13.80 18.18 -2.51
CA TYR B 132 -13.41 18.99 -3.66
C TYR B 132 -12.38 20.04 -3.26
N LEU B 133 -12.54 20.63 -2.07
CA LEU B 133 -11.54 21.56 -1.57
C LEU B 133 -10.21 20.85 -1.37
N LEU B 134 -10.26 19.63 -0.81
CA LEU B 134 -9.04 18.85 -0.64
C LEU B 134 -8.46 18.42 -1.99
N TYR B 135 -9.32 17.99 -2.92
CA TYR B 135 -8.84 17.56 -4.23
C TYR B 135 -8.08 18.67 -4.94
N GLN B 136 -8.61 19.90 -4.88
CA GLN B 136 -7.98 21.01 -5.58
C GLN B 136 -6.63 21.36 -4.94
N MET B 137 -6.56 21.36 -3.61
CA MET B 137 -5.30 21.66 -2.93
C MET B 137 -4.22 20.67 -3.33
N LEU B 138 -4.58 19.39 -3.45
CA LEU B 138 -3.62 18.36 -3.83
C LEU B 138 -3.13 18.57 -5.25
N CYS B 139 -4.00 19.02 -6.16
CA CYS B 139 -3.58 19.25 -7.54
C CYS B 139 -2.61 20.42 -7.63
N GLY B 140 -2.84 21.47 -6.82
CA GLY B 140 -1.94 22.60 -6.85
C GLY B 140 -0.55 22.28 -6.33
N ILE B 141 -0.47 21.54 -5.22
CA ILE B 141 0.83 21.16 -4.68
C ILE B 141 1.54 20.21 -5.64
N LYS B 142 0.80 19.27 -6.23
CA LYS B 142 1.42 18.34 -7.18
C LYS B 142 1.96 19.09 -8.39
N HIS B 143 1.21 20.07 -8.88
CA HIS B 143 1.71 20.89 -9.99
C HIS B 143 2.94 21.67 -9.58
N LEU B 144 2.97 22.17 -8.35
CA LEU B 144 4.15 22.85 -7.85
C LEU B 144 5.29 21.87 -7.64
N HIS B 145 4.99 20.72 -7.04
CA HIS B 145 6.00 19.69 -6.86
C HIS B 145 6.49 19.15 -8.19
N SER B 146 5.63 19.18 -9.21
CA SER B 146 6.03 18.70 -10.54
C SER B 146 7.18 19.52 -11.10
N ALA B 147 7.25 20.80 -10.75
CA ALA B 147 8.34 21.67 -11.20
C ALA B 147 9.48 21.75 -10.19
N GLY B 148 9.42 20.99 -9.11
CA GLY B 148 10.45 20.99 -8.10
C GLY B 148 10.29 22.05 -7.03
N ILE B 149 9.10 22.61 -6.88
CA ILE B 149 8.84 23.68 -5.92
C ILE B 149 8.07 23.11 -4.75
N ILE B 150 8.62 23.28 -3.54
CA ILE B 150 7.97 22.84 -2.31
C ILE B 150 7.54 24.08 -1.53
N HIS B 151 6.29 24.08 -1.07
CA HIS B 151 5.74 25.26 -0.40
C HIS B 151 6.25 25.36 1.03
N ARG B 152 5.94 24.35 1.86
CA ARG B 152 6.30 24.29 3.28
C ARG B 152 5.70 25.43 4.09
N ASP B 153 4.80 26.22 3.51
CA ASP B 153 4.14 27.29 4.23
C ASP B 153 2.64 27.31 3.92
N LEU B 154 2.04 26.13 3.78
CA LEU B 154 0.62 26.05 3.46
C LEU B 154 -0.20 26.27 4.72
N LYS B 155 -1.04 27.30 4.67
CA LYS B 155 -1.87 27.67 5.83
C LYS B 155 -3.26 28.05 5.31
N PRO B 156 -4.32 28.06 6.14
CA PRO B 156 -5.65 28.47 5.66
C PRO B 156 -5.71 29.91 5.18
N SER B 157 -4.78 30.76 5.61
CA SER B 157 -4.74 32.15 5.14
C SER B 157 -3.95 32.30 3.85
N ASN B 158 -3.29 31.25 3.37
CA ASN B 158 -2.54 31.28 2.13
C ASN B 158 -3.32 30.67 0.98
N ILE B 159 -4.54 30.20 1.25
CA ILE B 159 -5.36 29.51 0.26
C ILE B 159 -6.65 30.29 0.10
N VAL B 160 -7.04 30.53 -1.15
CA VAL B 160 -8.19 31.35 -1.46
C VAL B 160 -9.24 30.50 -2.18
N VAL B 161 -10.50 30.82 -1.92
CA VAL B 161 -11.62 30.10 -2.51
C VAL B 161 -12.59 31.11 -3.08
N LYS B 162 -13.40 30.65 -4.04
CA LYS B 162 -14.46 31.52 -4.60
C LYS B 162 -15.80 30.90 -4.21
N SER B 163 -16.91 31.54 -4.53
CA SER B 163 -18.25 31.05 -4.12
C SER B 163 -18.58 29.78 -4.89
N ASP B 164 -17.86 29.53 -5.97
CA ASP B 164 -18.04 28.29 -6.77
C ASP B 164 -17.32 27.13 -6.08
N CYS B 165 -16.77 27.36 -4.89
CA CYS B 165 -15.97 26.33 -4.18
C CYS B 165 -14.73 26.03 -5.03
N THR B 166 -14.24 27.03 -5.75
CA THR B 166 -13.03 26.87 -6.59
C THR B 166 -11.84 27.32 -5.76
N LEU B 167 -10.82 26.47 -5.64
CA LEU B 167 -9.72 26.74 -4.73
C LEU B 167 -8.48 27.15 -5.52
N LYS B 168 -7.77 28.15 -5.01
CA LYS B 168 -6.51 28.61 -5.59
C LYS B 168 -5.52 28.88 -4.47
N ILE B 169 -4.23 28.80 -4.80
CA ILE B 169 -3.14 29.00 -3.85
C ILE B 169 -2.46 30.32 -4.16
N LEU B 170 -2.26 31.14 -3.14
CA LEU B 170 -1.73 32.50 -3.34
C LEU B 170 -0.22 32.50 -3.50
N ASP B 171 0.49 31.98 -2.51
CA ASP B 171 1.94 32.09 -2.44
C ASP B 171 2.60 30.80 -2.90
N PHE B 172 3.87 30.93 -3.30
CA PHE B 172 4.66 29.79 -3.76
C PHE B 172 5.69 29.37 -2.72
N GLY B 173 5.57 29.83 -1.49
CA GLY B 173 6.50 29.42 -0.46
C GLY B 173 7.91 29.89 -0.78
N LEU B 174 8.88 29.09 -0.37
CA LEU B 174 10.28 29.38 -0.62
C LEU B 174 10.85 28.48 -1.71
N ALA B 175 10.03 27.58 -2.25
CA ALA B 175 10.44 26.70 -3.34
C ALA B 175 11.63 25.84 -2.95
N THR B 180 14.63 27.12 9.96
CA THR B 180 13.62 27.65 9.04
C THR B 180 12.34 27.99 9.78
N SER B 181 12.29 27.66 11.06
CA SER B 181 11.18 28.05 11.92
C SER B 181 11.30 29.48 12.44
N PHE B 182 12.43 30.14 12.22
CA PHE B 182 12.67 31.52 12.65
C PHE B 182 13.08 32.32 11.43
N MET B 183 12.12 32.95 10.77
CA MET B 183 12.34 33.69 9.54
C MET B 183 11.99 35.16 9.72
N MET B 184 12.67 36.02 8.98
CA MET B 184 12.45 37.45 9.04
C MET B 184 12.17 37.98 7.64
N PRO B 186 10.20 39.02 5.56
CA PRO B 186 8.73 39.17 5.56
C PRO B 186 7.99 37.83 5.54
N TYR B 187 8.02 37.10 6.65
CA TYR B 187 7.46 35.74 6.64
C TYR B 187 6.49 35.51 7.80
N VAL B 188 6.14 34.26 8.07
CA VAL B 188 4.91 33.95 8.78
C VAL B 188 5.21 33.36 10.16
N VAL B 189 4.15 33.28 10.98
CA VAL B 189 4.18 32.72 12.33
C VAL B 189 3.27 31.50 12.38
N THR B 190 3.23 30.71 11.32
CA THR B 190 2.30 29.59 11.27
C THR B 190 3.04 28.28 11.50
N ARG B 191 3.12 27.89 12.78
CA ARG B 191 3.76 26.66 13.21
C ARG B 191 2.76 25.53 13.35
N TYR B 192 1.47 25.84 13.52
CA TYR B 192 0.46 24.81 13.72
C TYR B 192 0.43 23.82 12.57
N TYR B 193 0.81 24.24 11.37
CA TYR B 193 0.70 23.43 10.17
C TYR B 193 2.07 23.00 9.67
N ARG B 194 3.10 23.18 10.47
CA ARG B 194 4.45 22.78 10.11
C ARG B 194 4.63 21.30 10.38
N ALA B 195 5.48 20.67 9.59
CA ALA B 195 5.65 19.23 9.73
C ALA B 195 6.51 18.91 10.94
N PRO B 196 6.47 17.67 11.41
CA PRO B 196 7.36 17.30 12.53
C PRO B 196 8.83 17.42 12.18
N GLU B 197 9.21 16.98 10.99
CA GLU B 197 10.61 17.00 10.58
C GLU B 197 11.16 18.43 10.59
N VAL B 198 10.40 19.38 10.04
CA VAL B 198 10.86 20.77 9.98
C VAL B 198 10.98 21.37 11.38
N ILE B 199 10.20 20.88 12.34
CA ILE B 199 10.27 21.37 13.71
C ILE B 199 11.40 20.69 14.48
N LEU B 200 11.99 19.63 13.94
CA LEU B 200 13.08 18.91 14.59
C LEU B 200 14.34 18.89 13.75
N GLY B 201 14.46 19.78 12.76
CA GLY B 201 15.65 19.88 11.94
C GLY B 201 16.04 18.63 11.18
N MET B 202 15.12 17.67 11.12
CA MET B 202 15.47 16.38 10.50
C MET B 202 15.72 16.57 9.01
N GLY B 203 15.04 17.52 8.38
CA GLY B 203 15.17 17.68 6.92
C GLY B 203 13.82 17.49 6.25
N TYR B 204 13.70 17.83 4.97
CA TYR B 204 12.34 17.77 4.36
C TYR B 204 12.35 17.11 2.99
N LYS B 205 11.23 16.47 2.66
CA LYS B 205 11.06 15.91 1.31
C LYS B 205 9.73 16.45 0.80
N GLU B 206 9.21 15.91 -0.31
CA GLU B 206 8.00 16.48 -0.90
C GLU B 206 6.77 16.24 -0.04
N ASN B 207 6.77 15.17 0.76
CA ASN B 207 5.61 14.83 1.58
C ASN B 207 5.39 15.80 2.74
N VAL B 208 6.25 16.81 2.91
CA VAL B 208 6.05 17.78 3.99
C VAL B 208 4.73 18.51 3.81
N ASP B 209 4.38 18.83 2.56
CA ASP B 209 3.15 19.57 2.31
C ASP B 209 1.93 18.71 2.60
N ILE B 210 2.07 17.38 2.52
CA ILE B 210 0.98 16.49 2.88
C ILE B 210 0.59 16.67 4.34
N TRP B 211 1.58 16.91 5.21
CA TRP B 211 1.27 17.14 6.62
C TRP B 211 0.41 18.39 6.78
N SER B 212 0.72 19.45 6.05
CA SER B 212 -0.03 20.69 6.17
C SER B 212 -1.49 20.50 5.76
N VAL B 213 -1.73 19.80 4.64
CA VAL B 213 -3.10 19.59 4.20
C VAL B 213 -3.85 18.71 5.20
N GLY B 214 -3.15 17.77 5.84
CA GLY B 214 -3.80 16.95 6.85
C GLY B 214 -4.25 17.76 8.05
N CYS B 215 -3.43 18.71 8.48
CA CYS B 215 -3.83 19.59 9.58
C CYS B 215 -4.98 20.50 9.16
N ILE B 216 -5.01 20.91 7.89
CA ILE B 216 -6.11 21.74 7.40
C ILE B 216 -7.39 20.93 7.34
N MET B 217 -7.30 19.67 6.91
CA MET B 217 -8.48 18.82 6.83
C MET B 217 -9.09 18.59 8.21
N GLY B 218 -8.25 18.32 9.22
CA GLY B 218 -8.77 18.08 10.56
C GLY B 218 -9.44 19.32 11.15
N GLU B 219 -8.93 20.51 10.84
CA GLU B 219 -9.52 21.73 11.36
C GLU B 219 -10.95 21.92 10.86
N MET B 220 -11.21 21.55 9.61
CA MET B 220 -12.57 21.64 9.06
C MET B 220 -13.55 20.80 9.86
N ILE B 221 -13.20 19.55 10.12
CA ILE B 221 -14.11 18.66 10.84
C ILE B 221 -14.21 19.06 12.30
N LYS B 222 -13.06 19.26 12.95
CA LYS B 222 -13.06 19.57 14.38
C LYS B 222 -13.60 20.96 14.67
N GLY B 223 -13.28 21.94 13.83
CA GLY B 223 -13.68 23.30 14.04
C GLY B 223 -12.63 24.18 14.69
N GLY B 224 -11.42 23.64 14.92
CA GLY B 224 -10.35 24.40 15.53
C GLY B 224 -9.01 23.84 15.10
N VAL B 225 -7.95 24.56 15.47
CA VAL B 225 -6.61 24.12 15.13
C VAL B 225 -6.36 22.75 15.75
N LEU B 226 -5.83 21.83 14.94
CA LEU B 226 -5.57 20.48 15.42
C LEU B 226 -4.47 20.46 16.47
N PHE B 227 -3.38 21.19 16.22
CA PHE B 227 -2.22 21.23 17.10
C PHE B 227 -1.98 22.68 17.49
N PRO B 228 -2.67 23.18 18.51
CA PRO B 228 -2.42 24.56 18.95
C PRO B 228 -1.23 24.64 19.89
N GLY B 229 -0.10 25.14 19.36
CA GLY B 229 1.13 25.17 20.09
C GLY B 229 1.49 26.65 20.53
N THR B 230 1.71 26.77 21.82
CA THR B 230 2.06 28.10 22.35
C THR B 230 3.44 28.54 21.91
N ASP B 231 4.38 27.60 21.71
CA ASP B 231 5.75 27.95 21.36
C ASP B 231 6.27 26.98 20.31
N HIS B 232 7.58 27.02 20.09
CA HIS B 232 8.22 26.16 19.10
C HIS B 232 8.09 24.69 19.48
N ILE B 233 8.33 24.37 20.75
CA ILE B 233 8.37 22.98 21.18
C ILE B 233 7.04 22.52 21.75
N ASP B 234 6.13 23.45 22.07
CA ASP B 234 4.77 23.05 22.37
C ASP B 234 4.10 22.44 21.15
N GLN B 235 4.50 22.86 19.96
CA GLN B 235 4.00 22.23 18.73
C GLN B 235 4.27 20.74 18.72
N TRP B 236 5.52 20.34 19.00
CA TRP B 236 5.83 18.92 19.00
C TRP B 236 5.10 18.20 20.13
N ASN B 237 4.99 18.84 21.29
CA ASN B 237 4.31 18.20 22.40
C ASN B 237 2.81 18.07 22.12
N LYS B 238 2.22 19.08 21.49
CA LYS B 238 0.81 18.99 21.13
C LYS B 238 0.58 17.90 20.09
N VAL B 239 1.51 17.74 19.15
CA VAL B 239 1.35 16.75 18.09
C VAL B 239 1.40 15.34 18.67
N ILE B 240 2.40 15.04 19.50
CA ILE B 240 2.57 13.69 20.02
C ILE B 240 1.51 13.37 21.09
N GLU B 241 0.95 14.40 21.74
CA GLU B 241 -0.04 14.15 22.77
C GLU B 241 -1.28 13.45 22.23
N GLN B 242 -1.62 13.71 20.96
CA GLN B 242 -2.79 13.09 20.34
C GLN B 242 -2.40 11.98 19.37
N LEU B 243 -1.37 12.20 18.56
CA LEU B 243 -0.92 11.20 17.59
C LEU B 243 -0.17 10.04 18.23
N GLY B 244 0.60 10.32 19.26
CA GLY B 244 1.36 9.27 19.97
C GLY B 244 2.85 9.48 19.81
N THR B 245 3.58 8.85 20.73
CA THR B 245 5.04 8.95 20.71
C THR B 245 5.59 8.12 19.56
N PRO B 246 6.52 8.64 18.76
CA PRO B 246 7.06 7.89 17.64
C PRO B 246 7.90 6.70 18.08
N CYS B 247 8.28 5.89 17.09
CA CYS B 247 9.04 4.66 17.25
C CYS B 247 10.52 4.95 17.30
N PRO B 248 11.34 4.01 17.80
CA PRO B 248 12.78 4.27 17.92
C PRO B 248 13.46 4.59 16.60
N GLU B 249 13.11 3.88 15.53
CA GLU B 249 13.77 4.09 14.23
C GLU B 249 13.63 5.54 13.78
N PHE B 250 12.51 6.18 14.12
CA PHE B 250 12.35 7.59 13.78
C PHE B 250 13.34 8.43 14.57
N MET B 251 13.46 8.16 15.86
CA MET B 251 14.38 8.92 16.71
C MET B 251 15.83 8.65 16.38
N LYS B 252 16.12 7.62 15.56
CA LYS B 252 17.50 7.32 15.19
C LYS B 252 18.09 8.44 14.34
N LYS B 253 17.36 8.88 13.31
CA LYS B 253 17.85 9.87 12.37
C LYS B 253 17.81 11.27 12.94
N LEU B 254 17.25 11.42 14.14
CA LEU B 254 17.14 12.72 14.77
C LEU B 254 18.53 13.25 15.15
N GLN B 255 18.70 14.57 15.08
CA GLN B 255 19.98 15.20 15.47
C GLN B 255 20.24 14.78 16.91
N PRO B 256 21.50 14.79 17.40
CA PRO B 256 21.80 14.25 18.73
C PRO B 256 21.27 15.08 19.92
N THR B 257 21.39 16.41 19.86
CA THR B 257 20.96 17.32 20.96
C THR B 257 19.45 17.23 21.12
N VAL B 258 18.73 16.89 20.06
CA VAL B 258 17.24 16.82 20.07
C VAL B 258 16.83 15.41 20.47
N ARG B 259 17.52 14.40 19.95
CA ARG B 259 17.17 12.99 20.21
C ARG B 259 16.98 12.80 21.72
N THR B 260 17.80 13.43 22.55
CA THR B 260 17.70 13.23 24.00
C THR B 260 16.40 13.77 24.53
N TYR B 261 16.04 15.01 24.16
CA TYR B 261 14.81 15.61 24.65
C TYR B 261 13.59 14.80 24.24
N VAL B 262 13.60 14.22 23.05
CA VAL B 262 12.45 13.45 22.58
C VAL B 262 12.23 12.21 23.43
N GLU B 263 13.28 11.40 23.59
CA GLU B 263 13.12 10.16 24.35
C GLU B 263 12.92 10.41 25.84
N ASN B 264 13.41 11.54 26.35
CA ASN B 264 13.28 11.83 27.78
C ASN B 264 11.91 12.40 28.12
N ARG B 265 11.28 13.07 27.16
CA ARG B 265 9.98 13.69 27.38
C ARG B 265 8.93 12.62 27.68
N PRO B 266 7.88 12.98 28.42
CA PRO B 266 6.84 11.99 28.75
C PRO B 266 6.31 11.29 27.52
N LYS B 267 6.25 9.96 27.59
CA LYS B 267 5.84 9.12 26.48
C LYS B 267 4.32 9.09 26.35
N TYR B 268 3.83 9.12 25.11
CA TYR B 268 2.41 9.12 24.82
C TYR B 268 2.05 8.01 23.85
N ALA B 269 1.02 7.24 24.18
CA ALA B 269 0.51 6.23 23.25
C ALA B 269 -0.25 6.90 22.10
N GLY B 270 -1.03 7.93 22.41
CA GLY B 270 -1.76 8.69 21.41
C GLY B 270 -3.19 8.22 21.19
N TYR B 271 -4.10 9.14 20.91
CA TYR B 271 -5.49 8.75 20.70
C TYR B 271 -5.71 8.30 19.26
N SER B 272 -6.75 7.50 19.07
CA SER B 272 -7.11 7.06 17.73
C SER B 272 -7.84 8.14 16.97
N PHE B 273 -7.68 8.11 15.65
CA PHE B 273 -8.38 9.09 14.81
C PHE B 273 -9.88 9.05 15.04
N GLU B 274 -10.42 7.86 15.35
CA GLU B 274 -11.85 7.76 15.64
C GLU B 274 -12.22 8.55 16.88
N LYS B 275 -11.34 8.58 17.89
CA LYS B 275 -11.57 9.41 19.07
C LYS B 275 -11.09 10.84 18.81
N LEU B 276 -10.09 10.99 17.94
CA LEU B 276 -9.65 12.31 17.53
C LEU B 276 -10.67 12.97 16.61
N PHE B 277 -11.26 12.17 15.71
CA PHE B 277 -12.25 12.64 14.75
C PHE B 277 -13.48 11.77 14.88
N PRO B 278 -14.32 12.00 15.89
CA PRO B 278 -15.49 11.15 16.07
C PRO B 278 -16.51 11.43 14.99
N ASP B 279 -17.40 10.46 14.77
CA ASP B 279 -18.39 10.61 13.70
C ASP B 279 -19.34 11.77 13.95
N VAL B 280 -19.50 12.17 15.22
CA VAL B 280 -20.36 13.30 15.55
C VAL B 280 -19.91 14.53 14.77
N LEU B 281 -18.59 14.78 14.75
CA LEU B 281 -18.06 15.93 14.01
C LEU B 281 -18.39 15.85 12.52
N PHE B 282 -18.45 14.64 11.97
CA PHE B 282 -18.73 14.49 10.54
C PHE B 282 -20.22 14.53 10.27
N PRO B 283 -20.62 14.65 9.00
CA PRO B 283 -22.02 14.44 8.65
C PRO B 283 -22.44 13.00 8.88
N ALA B 284 -23.70 12.79 9.26
CA ALA B 284 -24.16 11.42 9.58
C ALA B 284 -25.57 11.15 9.04
N ASP B 285 -26.22 10.09 9.52
CA ASP B 285 -27.61 9.73 9.11
C ASP B 285 -27.64 9.09 7.72
N SER B 286 -26.51 8.57 7.26
CA SER B 286 -26.48 7.84 5.96
C SER B 286 -25.21 6.97 5.90
N GLU B 287 -25.24 5.91 5.10
CA GLU B 287 -24.03 5.07 4.91
C GLU B 287 -22.98 5.95 4.25
N HIS B 288 -23.41 6.77 3.30
CA HIS B 288 -22.45 7.64 2.57
C HIS B 288 -21.77 8.53 3.60
N ASN B 289 -22.55 9.08 4.51
CA ASN B 289 -21.98 9.99 5.53
C ASN B 289 -21.10 9.18 6.48
N LYS B 290 -21.52 7.97 6.86
CA LYS B 290 -20.69 7.13 7.72
C LYS B 290 -19.46 6.61 6.99
N LEU B 291 -19.63 6.14 5.75
CA LEU B 291 -18.50 5.62 4.99
C LEU B 291 -17.52 6.73 4.63
N LYS B 292 -18.03 7.88 4.17
CA LYS B 292 -17.14 8.98 3.82
C LYS B 292 -16.38 9.47 5.04
N ALA B 293 -16.98 9.37 6.23
CA ALA B 293 -16.24 9.66 7.44
C ALA B 293 -15.11 8.65 7.64
N SER B 294 -15.41 7.36 7.44
CA SER B 294 -14.38 6.34 7.54
C SER B 294 -13.32 6.52 6.46
N GLN B 295 -13.74 6.91 5.25
CA GLN B 295 -12.78 7.19 4.19
C GLN B 295 -11.95 8.42 4.51
N ALA B 296 -12.55 9.40 5.18
CA ALA B 296 -11.81 10.60 5.58
C ALA B 296 -10.81 10.28 6.68
N ARG B 297 -11.24 9.51 7.69
CA ARG B 297 -10.34 9.17 8.79
C ARG B 297 -9.14 8.37 8.31
N ASP B 298 -9.33 7.52 7.30
CA ASP B 298 -8.21 6.75 6.76
C ASP B 298 -7.22 7.68 6.07
N LEU B 299 -7.71 8.66 5.32
CA LEU B 299 -6.80 9.57 4.65
C LEU B 299 -6.00 10.37 5.67
N LEU B 300 -6.67 10.90 6.69
CA LEU B 300 -5.98 11.59 7.77
C LEU B 300 -5.01 10.63 8.48
N SER B 301 -5.37 9.35 8.54
CA SER B 301 -4.48 8.35 9.11
C SER B 301 -3.22 8.18 8.28
N LYS B 302 -3.33 8.33 6.95
CA LYS B 302 -2.20 8.14 6.06
C LYS B 302 -1.45 9.43 5.74
N MET B 303 -2.01 10.58 6.10
CA MET B 303 -1.39 11.87 5.87
C MET B 303 -0.81 12.49 7.13
N LEU B 304 -1.49 12.33 8.27
CA LEU B 304 -0.97 12.82 9.54
C LEU B 304 -0.15 11.71 10.21
N VAL B 305 0.99 11.42 9.60
CA VAL B 305 1.96 10.45 10.11
C VAL B 305 3.26 11.19 10.35
N ILE B 306 3.83 11.04 11.54
CA ILE B 306 5.00 11.81 11.89
C ILE B 306 6.20 11.41 11.05
N ASP B 307 6.38 10.12 10.82
CA ASP B 307 7.47 9.63 9.98
C ASP B 307 7.07 9.76 8.52
N ALA B 308 7.78 10.62 7.78
CA ALA B 308 7.51 10.79 6.36
C ALA B 308 7.66 9.48 5.60
N SER B 309 8.39 8.50 6.16
CA SER B 309 8.61 7.25 5.45
C SER B 309 7.31 6.48 5.28
N LYS B 310 6.35 6.65 6.20
CA LYS B 310 5.04 6.04 6.08
C LYS B 310 3.96 7.05 5.71
N ARG B 311 4.35 8.26 5.34
CA ARG B 311 3.39 9.29 4.96
C ARG B 311 3.04 9.16 3.48
N ILE B 312 1.77 9.45 3.17
CA ILE B 312 1.28 9.28 1.81
C ILE B 312 1.89 10.35 0.89
N SER B 313 2.17 9.95 -0.35
CA SER B 313 2.61 10.87 -1.38
C SER B 313 1.40 11.57 -2.00
N VAL B 314 1.66 12.67 -2.71
CA VAL B 314 0.57 13.42 -3.34
C VAL B 314 -0.15 12.56 -4.38
N ASP B 315 0.59 11.71 -5.10
CA ASP B 315 -0.04 10.87 -6.12
C ASP B 315 -0.99 9.85 -5.49
N GLU B 316 -0.59 9.21 -4.39
CA GLU B 316 -1.47 8.25 -3.74
C GLU B 316 -2.66 8.92 -3.08
N ALA B 317 -2.48 10.13 -2.56
CA ALA B 317 -3.62 10.85 -1.96
C ALA B 317 -4.66 11.22 -3.01
N LEU B 318 -4.21 11.56 -4.22
CA LEU B 318 -5.15 11.90 -5.29
C LEU B 318 -5.97 10.69 -5.74
N GLN B 319 -5.41 9.49 -5.63
CA GLN B 319 -6.11 8.26 -6.01
C GLN B 319 -6.86 7.64 -4.84
N HIS B 320 -7.00 8.37 -3.73
CA HIS B 320 -7.77 7.85 -2.61
C HIS B 320 -9.26 7.90 -2.92
N PRO B 321 -10.04 6.92 -2.44
CA PRO B 321 -11.49 6.93 -2.70
C PRO B 321 -12.20 8.22 -2.33
N TYR B 322 -11.76 8.89 -1.25
CA TYR B 322 -12.40 10.14 -0.85
C TYR B 322 -12.14 11.24 -1.88
N ILE B 323 -11.03 11.19 -2.60
CA ILE B 323 -10.63 12.26 -3.50
C ILE B 323 -10.73 11.86 -4.99
N ASN B 324 -10.68 10.57 -5.31
CA ASN B 324 -10.65 10.14 -6.70
C ASN B 324 -11.93 10.49 -7.46
N VAL B 325 -13.01 10.80 -6.74
CA VAL B 325 -14.28 11.12 -7.39
C VAL B 325 -14.16 12.32 -8.31
N TRP B 326 -13.27 13.26 -7.99
CA TRP B 326 -13.09 14.47 -8.80
C TRP B 326 -11.96 14.36 -9.81
N TYR B 327 -11.41 13.17 -10.03
CA TYR B 327 -10.20 13.03 -10.83
C TYR B 327 -10.43 13.45 -12.29
N ASP B 328 -9.74 14.51 -12.71
CA ASP B 328 -9.71 14.95 -14.10
C ASP B 328 -8.25 15.13 -14.50
N PRO B 329 -7.77 14.45 -15.55
CA PRO B 329 -6.33 14.49 -15.84
C PRO B 329 -5.80 15.89 -16.12
N SER B 330 -6.62 16.80 -16.64
CA SER B 330 -6.13 18.15 -16.92
C SER B 330 -5.68 18.83 -15.65
N GLU B 331 -6.46 18.72 -14.58
CA GLU B 331 -6.09 19.37 -13.32
C GLU B 331 -4.89 18.69 -12.67
N ALA B 332 -4.87 17.36 -12.62
CA ALA B 332 -3.79 16.63 -11.98
C ALA B 332 -2.59 16.38 -12.91
N GLU B 333 -2.85 15.84 -14.11
CA GLU B 333 -1.79 15.43 -15.03
C GLU B 333 -1.47 16.54 -16.04
N ALA B 334 -1.54 17.79 -15.60
CA ALA B 334 -1.26 18.92 -16.47
C ALA B 334 0.22 18.96 -16.82
N PRO B 335 0.57 19.58 -17.96
CA PRO B 335 1.98 19.67 -18.33
C PRO B 335 2.76 20.47 -17.31
N PRO B 336 3.91 19.98 -16.90
CA PRO B 336 4.67 20.64 -15.82
C PRO B 336 5.14 22.03 -16.23
N PRO B 337 5.10 23.00 -15.31
CA PRO B 337 5.66 24.33 -15.59
C PRO B 337 7.17 24.29 -15.48
N LYS B 338 7.83 23.75 -16.50
CA LYS B 338 9.29 23.66 -16.50
C LYS B 338 9.86 24.99 -16.97
N ILE B 339 10.43 25.72 -16.02
CA ILE B 339 11.00 27.05 -16.21
C ILE B 339 12.50 26.83 -16.33
N PRO B 340 13.18 27.41 -17.31
CA PRO B 340 14.63 27.16 -17.41
C PRO B 340 15.35 27.68 -16.18
N ASP B 341 16.51 27.06 -15.95
CA ASP B 341 17.27 27.31 -14.73
C ASP B 341 17.69 28.77 -14.63
N LYS B 342 17.79 29.47 -15.77
CA LYS B 342 18.20 30.86 -15.70
C LYS B 342 17.15 31.72 -14.99
N GLN B 343 15.88 31.29 -14.98
CA GLN B 343 14.87 31.87 -14.10
C GLN B 343 14.67 31.08 -12.81
N LEU B 344 15.09 29.81 -12.76
CA LEU B 344 15.06 29.04 -11.50
C LEU B 344 16.33 29.45 -10.76
N ASP B 345 16.22 30.54 -10.00
CA ASP B 345 17.37 31.16 -9.34
C ASP B 345 17.39 30.83 -7.85
N GLU B 346 18.30 29.93 -7.47
CA GLU B 346 18.58 29.61 -6.07
C GLU B 346 19.95 30.16 -5.65
N ARG B 347 20.20 31.44 -5.88
CA ARG B 347 21.51 31.99 -5.58
C ARG B 347 21.37 33.37 -4.94
N GLU B 348 22.38 33.78 -4.20
CA GLU B 348 22.38 35.05 -3.52
C GLU B 348 23.11 36.04 -4.42
N HIS B 349 22.81 37.32 -4.24
CA HIS B 349 23.33 38.30 -5.19
C HIS B 349 23.48 39.65 -4.52
N THR B 350 23.95 40.61 -5.31
CA THR B 350 24.07 41.98 -4.83
C THR B 350 22.72 42.66 -4.96
N ILE B 351 22.45 43.60 -4.07
CA ILE B 351 21.18 44.34 -4.10
C ILE B 351 21.02 45.11 -5.40
N GLU B 352 22.11 45.69 -5.91
CA GLU B 352 22.03 46.49 -7.12
C GLU B 352 21.48 45.69 -8.29
N GLU B 353 21.94 44.45 -8.45
CA GLU B 353 21.38 43.58 -9.48
C GLU B 353 19.94 43.20 -9.14
N TRP B 354 19.65 42.95 -7.86
CA TRP B 354 18.30 42.61 -7.45
C TRP B 354 17.30 43.65 -7.92
N LYS B 355 17.58 44.94 -7.65
CA LYS B 355 16.71 45.99 -8.16
C LYS B 355 16.71 45.98 -9.67
N GLU B 356 17.85 45.64 -10.28
CA GLU B 356 17.98 45.62 -11.74
C GLU B 356 17.24 44.42 -12.34
N LEU B 357 17.34 43.26 -11.69
CA LEU B 357 16.76 42.04 -12.23
C LEU B 357 15.24 42.10 -12.24
N ILE B 358 14.66 42.59 -11.15
CA ILE B 358 13.18 42.71 -11.07
C ILE B 358 12.74 43.87 -11.96
N TYR B 359 13.49 44.97 -11.95
CA TYR B 359 13.01 46.13 -12.73
C TYR B 359 12.67 45.67 -14.14
N LYS B 360 13.57 44.91 -14.77
CA LYS B 360 13.29 44.48 -16.12
C LYS B 360 12.21 43.42 -16.13
N GLU B 361 12.09 42.62 -15.07
CA GLU B 361 11.05 41.60 -15.02
C GLU B 361 9.67 42.26 -14.90
N VAL B 362 9.61 43.41 -14.24
CA VAL B 362 8.35 44.14 -14.20
C VAL B 362 8.22 45.07 -15.41
N MET B 363 9.35 45.50 -15.97
CA MET B 363 9.30 46.52 -17.06
C MET B 363 9.40 45.88 -18.45
N ASP B 364 9.67 44.58 -18.54
CA ASP B 364 9.67 43.94 -19.86
C ASP B 364 8.21 43.68 -20.24
N LEU B 365 7.53 44.75 -20.62
CA LEU B 365 6.12 44.68 -20.96
C LEU B 365 5.91 44.59 -22.46
N ASN C 10 41.34 -31.29 -39.07
CA ASN C 10 42.63 -31.21 -38.39
C ASN C 10 42.42 -31.14 -36.88
N ASN C 11 41.98 -29.98 -36.40
CA ASN C 11 41.69 -29.76 -34.99
C ASN C 11 40.25 -30.06 -34.61
N PHE C 12 39.48 -30.71 -35.48
CA PHE C 12 38.05 -30.84 -35.26
C PHE C 12 37.68 -32.28 -34.95
N TYR C 13 36.78 -32.45 -33.99
CA TYR C 13 36.18 -33.73 -33.66
C TYR C 13 34.67 -33.52 -33.54
N SER C 14 33.92 -34.60 -33.71
CA SER C 14 32.47 -34.49 -33.81
C SER C 14 31.80 -35.37 -32.75
N VAL C 15 30.62 -34.92 -32.33
CA VAL C 15 29.81 -35.64 -31.36
C VAL C 15 28.34 -35.44 -31.75
N GLU C 16 27.55 -36.48 -31.56
CA GLU C 16 26.13 -36.46 -31.91
C GLU C 16 25.34 -36.08 -30.66
N ILE C 17 24.56 -35.00 -30.74
CA ILE C 17 23.74 -34.56 -29.62
C ILE C 17 22.31 -34.35 -30.09
N GLY C 18 21.36 -34.61 -29.20
CA GLY C 18 19.94 -34.36 -29.45
C GLY C 18 19.39 -34.77 -30.79
N ASP C 19 20.03 -35.76 -31.43
CA ASP C 19 19.65 -36.23 -32.77
C ASP C 19 20.06 -35.21 -33.82
N SER C 20 21.21 -34.57 -33.56
CA SER C 20 21.79 -33.57 -34.43
C SER C 20 23.31 -33.69 -34.32
N THR C 21 24.02 -32.95 -35.17
CA THR C 21 25.45 -33.14 -35.38
C THR C 21 26.25 -31.93 -34.92
N PHE C 22 27.13 -32.15 -33.94
CA PHE C 22 28.06 -31.12 -33.48
C PHE C 22 29.50 -31.51 -33.79
N THR C 23 30.17 -30.70 -34.61
CA THR C 23 31.60 -30.87 -34.88
C THR C 23 32.33 -29.65 -34.33
N VAL C 24 33.39 -29.88 -33.56
CA VAL C 24 34.07 -28.82 -32.83
C VAL C 24 35.56 -29.16 -32.69
N LEU C 25 36.33 -28.15 -32.28
CA LEU C 25 37.76 -28.23 -32.06
C LEU C 25 38.13 -29.11 -30.87
N LYS C 26 39.40 -29.54 -30.86
CA LYS C 26 39.94 -30.39 -29.82
C LYS C 26 40.15 -29.62 -28.52
N ARG C 27 40.09 -28.29 -28.60
CA ARG C 27 40.19 -27.46 -27.41
C ARG C 27 38.95 -27.56 -26.53
N TYR C 28 37.81 -27.98 -27.10
CA TYR C 28 36.55 -28.13 -26.37
C TYR C 28 36.26 -29.61 -26.14
N GLN C 29 36.04 -30.01 -24.89
CA GLN C 29 35.81 -31.41 -24.56
C GLN C 29 34.68 -31.54 -23.53
N ASN C 30 34.22 -32.78 -23.37
CA ASN C 30 33.17 -33.15 -22.39
C ASN C 30 31.90 -32.32 -22.59
N LEU C 31 31.54 -32.12 -23.84
CA LEU C 31 30.36 -31.35 -24.20
C LEU C 31 29.07 -31.99 -23.67
N LYS C 32 28.24 -31.19 -23.00
CA LYS C 32 26.93 -31.64 -22.52
C LYS C 32 25.92 -30.56 -22.86
N PRO C 33 24.70 -30.94 -23.26
CA PRO C 33 23.75 -29.92 -23.74
C PRO C 33 23.19 -29.09 -22.58
N ILE C 34 23.25 -27.77 -22.75
CA ILE C 34 22.64 -26.84 -21.81
C ILE C 34 21.38 -26.19 -22.36
N GLY C 35 21.14 -26.33 -23.67
CA GLY C 35 19.94 -25.74 -24.24
C GLY C 35 18.68 -26.34 -23.64
N SER C 36 17.64 -25.51 -23.56
CA SER C 36 16.36 -25.93 -23.02
C SER C 36 15.46 -26.59 -24.06
N GLY C 37 16.04 -27.04 -25.17
CA GLY C 37 15.28 -27.71 -26.21
C GLY C 37 14.80 -26.80 -27.31
N ALA C 38 15.03 -25.48 -27.19
CA ALA C 38 14.61 -24.51 -28.20
C ALA C 38 15.48 -23.27 -28.03
N GLN C 39 15.25 -22.30 -28.92
CA GLN C 39 16.00 -21.04 -28.95
C GLN C 39 17.51 -21.29 -29.08
N GLY C 40 17.88 -21.96 -30.15
CA GLY C 40 19.28 -22.26 -30.38
C GLY C 40 19.69 -23.59 -29.77
N ILE C 41 20.67 -24.23 -30.40
CA ILE C 41 21.19 -25.51 -29.94
C ILE C 41 22.53 -25.23 -29.27
N VAL C 42 22.55 -25.22 -27.93
CA VAL C 42 23.74 -24.88 -27.16
C VAL C 42 24.10 -26.00 -26.19
N CYS C 43 25.40 -26.19 -26.01
CA CYS C 43 25.90 -27.25 -25.09
C CYS C 43 27.13 -26.73 -24.35
N ALA C 44 27.34 -27.16 -23.10
CA ALA C 44 28.45 -26.74 -22.26
C ALA C 44 29.72 -27.54 -22.60
N ALA C 45 30.87 -26.90 -22.43
CA ALA C 45 32.14 -27.49 -22.83
C ALA C 45 33.27 -26.90 -21.98
N TYR C 46 34.45 -27.49 -22.09
CA TYR C 46 35.66 -27.01 -21.43
C TYR C 46 36.63 -26.60 -22.52
N ASP C 47 37.06 -25.35 -22.48
CA ASP C 47 38.04 -24.86 -23.43
C ASP C 47 39.41 -25.02 -22.76
N ALA C 48 40.27 -25.83 -23.37
CA ALA C 48 41.54 -26.16 -22.72
C ALA C 48 42.54 -25.02 -22.82
N ILE C 49 42.65 -24.40 -24.00
CA ILE C 49 43.66 -23.37 -24.21
C ILE C 49 43.44 -22.19 -23.26
N LEU C 50 42.19 -21.82 -23.03
CA LEU C 50 41.87 -20.74 -22.10
C LEU C 50 41.48 -21.22 -20.72
N GLU C 51 41.46 -22.53 -20.48
CA GLU C 51 41.17 -23.10 -19.16
C GLU C 51 39.77 -22.72 -18.65
N ARG C 52 38.89 -22.32 -19.56
CA ARG C 52 37.56 -21.86 -19.19
C ARG C 52 36.51 -22.86 -19.64
N ASN C 53 35.52 -23.12 -18.78
CA ASN C 53 34.33 -23.85 -19.22
C ASN C 53 33.48 -22.90 -20.06
N VAL C 54 33.00 -23.37 -21.20
CA VAL C 54 32.39 -22.48 -22.18
C VAL C 54 31.08 -23.04 -22.71
N ALA C 55 30.28 -22.14 -23.28
CA ALA C 55 29.02 -22.47 -23.95
C ALA C 55 29.20 -22.24 -25.44
N ILE C 56 28.75 -23.20 -26.25
CA ILE C 56 28.94 -23.17 -27.69
C ILE C 56 27.59 -23.26 -28.38
N LYS C 57 27.38 -22.43 -29.40
CA LYS C 57 26.14 -22.44 -30.17
C LYS C 57 26.39 -22.79 -31.63
N LYS C 58 25.51 -23.63 -32.17
CA LYS C 58 25.46 -23.95 -33.60
C LYS C 58 24.31 -23.15 -34.21
N LEU C 59 24.60 -22.34 -35.22
CA LEU C 59 23.60 -21.48 -35.85
C LEU C 59 22.77 -22.32 -36.83
N SER C 60 21.47 -22.39 -36.55
CA SER C 60 20.55 -23.21 -37.32
C SER C 60 20.27 -22.61 -38.69
N ARG C 61 20.63 -23.35 -39.74
CA ARG C 61 20.34 -23.06 -41.15
C ARG C 61 20.67 -21.63 -41.56
N PRO C 62 21.96 -21.25 -41.59
CA PRO C 62 22.28 -19.85 -41.94
C PRO C 62 21.92 -19.46 -43.36
N PHE C 63 22.13 -20.34 -44.35
CA PHE C 63 21.93 -20.01 -45.76
C PHE C 63 20.63 -20.55 -46.33
N GLN C 64 19.76 -21.10 -45.49
CA GLN C 64 18.54 -21.67 -46.01
C GLN C 64 17.50 -20.62 -46.38
N ASN C 65 17.47 -19.50 -45.66
CA ASN C 65 16.60 -18.39 -46.03
C ASN C 65 17.25 -17.07 -45.60
N GLN C 66 16.65 -15.98 -46.05
CA GLN C 66 17.10 -14.64 -45.71
C GLN C 66 16.81 -14.29 -44.26
N THR C 67 15.75 -14.87 -43.68
CA THR C 67 15.39 -14.55 -42.30
C THR C 67 16.44 -15.04 -41.32
N HIS C 68 16.92 -16.28 -41.51
CA HIS C 68 17.99 -16.79 -40.65
C HIS C 68 19.28 -16.02 -40.87
N ALA C 69 19.61 -15.71 -42.13
CA ALA C 69 20.87 -15.05 -42.44
C ALA C 69 20.95 -13.66 -41.83
N LYS C 70 19.91 -12.83 -42.04
CA LYS C 70 19.94 -11.47 -41.52
C LYS C 70 20.10 -11.45 -40.01
N ARG C 71 19.46 -12.39 -39.32
CA ARG C 71 19.63 -12.48 -37.87
C ARG C 71 21.05 -12.89 -37.52
N ALA C 72 21.56 -13.95 -38.17
CA ALA C 72 22.89 -14.45 -37.87
C ALA C 72 23.96 -13.46 -38.26
N TYR C 73 23.79 -12.84 -39.44
CA TYR C 73 24.77 -11.85 -39.88
C TYR C 73 24.84 -10.71 -38.89
N ARG C 74 23.70 -10.27 -38.40
CA ARG C 74 23.76 -9.12 -37.51
C ARG C 74 24.41 -9.53 -36.19
N GLU C 75 23.82 -10.51 -35.49
CA GLU C 75 24.30 -10.87 -34.13
C GLU C 75 25.83 -10.83 -34.06
N LEU C 76 26.51 -11.51 -34.97
CA LEU C 76 28.00 -11.61 -34.92
C LEU C 76 28.61 -10.23 -35.04
N VAL C 77 28.17 -9.43 -36.01
CA VAL C 77 28.81 -8.10 -36.23
C VAL C 77 28.56 -7.22 -35.01
N LEU C 78 27.38 -7.34 -34.41
CA LEU C 78 27.05 -6.54 -33.20
C LEU C 78 27.81 -7.13 -32.00
N MET C 79 27.78 -8.45 -31.84
CA MET C 79 28.47 -9.09 -30.74
C MET C 79 29.98 -8.90 -30.86
N LYS C 80 30.52 -8.80 -32.09
CA LYS C 80 31.97 -8.62 -32.23
C LYS C 80 32.42 -7.23 -31.81
N CYS C 81 31.54 -6.23 -31.88
CA CYS C 81 31.88 -4.83 -31.62
C CYS C 81 31.22 -4.29 -30.35
N VAL C 82 30.80 -5.17 -29.44
CA VAL C 82 30.16 -4.76 -28.20
C VAL C 82 31.08 -5.05 -27.02
N ASN C 83 31.17 -4.08 -26.10
CA ASN C 83 32.01 -4.22 -24.91
C ASN C 83 31.24 -3.72 -23.69
N HIS C 84 30.64 -4.64 -22.94
CA HIS C 84 29.96 -4.28 -21.71
C HIS C 84 29.98 -5.51 -20.80
N LYS C 85 30.01 -5.25 -19.49
CA LYS C 85 30.03 -6.36 -18.54
C LYS C 85 28.69 -7.06 -18.48
N ASN C 86 27.61 -6.33 -18.76
CA ASN C 86 26.25 -6.84 -18.70
C ASN C 86 25.73 -7.35 -20.04
N ILE C 87 26.63 -7.56 -21.01
CA ILE C 87 26.27 -8.13 -22.30
C ILE C 87 27.11 -9.39 -22.51
N ILE C 88 26.47 -10.43 -23.04
CA ILE C 88 27.21 -11.65 -23.33
C ILE C 88 28.24 -11.37 -24.41
N GLY C 89 29.41 -12.02 -24.31
CA GLY C 89 30.47 -11.78 -25.27
C GLY C 89 30.86 -13.00 -26.07
N LEU C 90 31.48 -12.79 -27.23
CA LEU C 90 31.90 -13.86 -28.11
C LEU C 90 33.39 -14.10 -27.93
N LEU C 91 33.75 -15.32 -27.52
CA LEU C 91 35.17 -15.66 -27.44
C LEU C 91 35.71 -16.00 -28.82
N ASN C 92 35.00 -16.84 -29.57
CA ASN C 92 35.47 -17.29 -30.87
C ASN C 92 34.28 -17.75 -31.71
N VAL C 93 34.42 -17.62 -33.02
CA VAL C 93 33.44 -18.15 -33.96
C VAL C 93 34.19 -19.01 -34.96
N PHE C 94 33.63 -20.17 -35.27
CA PHE C 94 34.34 -21.11 -36.11
C PHE C 94 33.36 -21.94 -36.92
N THR C 95 33.88 -22.53 -38.00
CA THR C 95 33.07 -23.44 -38.83
C THR C 95 34.01 -24.52 -39.37
N PRO C 96 33.64 -25.80 -39.26
CA PRO C 96 34.54 -26.88 -39.72
C PRO C 96 34.89 -26.77 -41.20
N GLN C 97 33.89 -26.51 -42.03
CA GLN C 97 34.09 -26.33 -43.45
C GLN C 97 34.74 -24.98 -43.72
N LYS C 98 35.63 -24.92 -44.70
CA LYS C 98 36.25 -23.64 -45.01
C LYS C 98 35.82 -23.03 -46.34
N SER C 99 35.44 -23.83 -47.33
CA SER C 99 35.06 -23.23 -48.60
C SER C 99 33.59 -22.86 -48.57
N LEU C 100 33.27 -21.76 -49.24
CA LEU C 100 31.87 -21.35 -49.38
C LEU C 100 31.07 -22.45 -50.06
N GLU C 101 31.68 -23.15 -51.01
CA GLU C 101 31.02 -24.27 -51.66
C GLU C 101 30.69 -25.35 -50.64
N GLU C 102 31.59 -25.57 -49.68
CA GLU C 102 31.38 -26.55 -48.64
C GLU C 102 30.92 -25.91 -47.34
N PHE C 103 30.63 -24.60 -47.37
CA PHE C 103 30.25 -23.89 -46.16
C PHE C 103 28.86 -24.36 -45.76
N GLN C 104 28.76 -25.02 -44.62
CA GLN C 104 27.52 -25.64 -44.19
C GLN C 104 27.11 -25.29 -42.77
N ASP C 105 28.06 -24.92 -41.92
CA ASP C 105 27.77 -24.68 -40.52
C ASP C 105 28.57 -23.49 -40.03
N VAL C 106 28.08 -22.88 -38.95
CA VAL C 106 28.76 -21.72 -38.32
C VAL C 106 28.62 -21.91 -36.80
N TYR C 107 29.74 -21.99 -36.08
CA TYR C 107 29.72 -22.25 -34.65
C TYR C 107 30.25 -21.04 -33.90
N ILE C 108 29.53 -20.64 -32.85
CA ILE C 108 29.90 -19.51 -32.01
C ILE C 108 30.03 -20.02 -30.58
N VAL C 109 31.10 -19.62 -29.90
CA VAL C 109 31.34 -20.00 -28.51
C VAL C 109 31.32 -18.75 -27.65
N MET C 110 30.74 -18.86 -26.44
CA MET C 110 30.64 -17.74 -25.52
C MET C 110 30.85 -18.27 -24.11
N GLU C 111 31.01 -17.32 -23.18
CA GLU C 111 31.28 -17.65 -21.78
C GLU C 111 30.11 -18.39 -21.15
N LEU C 112 30.40 -19.51 -20.50
CA LEU C 112 29.36 -20.27 -19.84
C LEU C 112 28.85 -19.55 -18.60
N MET C 113 27.53 -19.55 -18.44
CA MET C 113 26.85 -18.96 -17.29
C MET C 113 25.97 -20.03 -16.66
N ASP C 114 25.68 -19.87 -15.37
CA ASP C 114 25.03 -20.97 -14.63
C ASP C 114 23.54 -21.11 -14.97
N ALA C 115 22.82 -20.01 -15.12
CA ALA C 115 21.38 -20.16 -15.36
C ALA C 115 20.80 -18.95 -16.08
N ASN C 116 19.55 -19.11 -16.50
CA ASN C 116 18.75 -18.06 -17.09
C ASN C 116 18.11 -17.23 -15.98
N LEU C 117 17.63 -16.04 -16.36
CA LEU C 117 16.90 -15.22 -15.41
C LEU C 117 15.65 -15.94 -14.93
N CYS C 118 15.13 -16.80 -15.80
CA CYS C 118 13.93 -17.57 -15.47
C CYS C 118 14.21 -18.45 -14.26
N GLN C 119 15.33 -19.17 -14.29
CA GLN C 119 15.73 -20.09 -13.18
C GLN C 119 15.98 -19.33 -11.89
N VAL C 120 16.68 -18.22 -11.96
CA VAL C 120 16.96 -17.48 -10.70
C VAL C 120 15.68 -16.92 -10.09
N ILE C 121 14.74 -16.48 -10.93
CA ILE C 121 13.48 -15.85 -10.46
C ILE C 121 12.65 -16.83 -9.65
N GLN C 122 12.66 -18.11 -10.02
CA GLN C 122 11.93 -19.16 -9.27
C GLN C 122 12.49 -19.28 -7.85
N MET C 123 13.79 -19.11 -7.67
CA MET C 123 14.45 -19.12 -6.34
C MET C 123 13.96 -17.93 -5.53
N GLU C 124 13.81 -18.07 -4.22
CA GLU C 124 13.39 -16.94 -3.37
C GLU C 124 14.52 -15.91 -3.38
N LEU C 125 14.22 -14.63 -3.57
CA LEU C 125 15.27 -13.61 -3.61
C LEU C 125 15.15 -12.60 -2.48
N ASP C 126 15.84 -11.47 -2.64
CA ASP C 126 15.82 -10.36 -1.70
C ASP C 126 15.89 -9.06 -2.50
N HIS C 127 15.61 -7.95 -1.80
CA HIS C 127 15.61 -6.66 -2.47
C HIS C 127 16.98 -6.30 -3.04
N GLU C 128 18.03 -6.57 -2.27
CA GLU C 128 19.38 -6.18 -2.67
C GLU C 128 19.85 -6.97 -3.89
N ARG C 129 19.55 -8.28 -3.92
CA ARG C 129 19.95 -9.09 -5.06
C ARG C 129 19.12 -8.76 -6.30
N MET C 130 17.83 -8.49 -6.10
CA MET C 130 16.96 -8.17 -7.24
C MET C 130 17.33 -6.82 -7.85
N SER C 131 17.52 -5.80 -7.00
CA SER C 131 17.81 -4.47 -7.51
C SER C 131 19.07 -4.43 -8.36
N TYR C 132 20.09 -5.24 -7.99
CA TYR C 132 21.29 -5.30 -8.80
C TYR C 132 21.01 -5.99 -10.13
N LEU C 133 20.18 -7.03 -10.11
CA LEU C 133 19.81 -7.70 -11.35
C LEU C 133 19.08 -6.74 -12.29
N LEU C 134 18.16 -5.94 -11.74
CA LEU C 134 17.49 -4.93 -12.55
C LEU C 134 18.48 -3.87 -13.03
N TYR C 135 19.39 -3.46 -12.15
CA TYR C 135 20.38 -2.45 -12.52
C TYR C 135 21.21 -2.88 -13.72
N GLN C 136 21.62 -4.15 -13.74
CA GLN C 136 22.47 -4.62 -14.81
C GLN C 136 21.74 -4.64 -16.15
N MET C 137 20.51 -5.15 -16.18
CA MET C 137 19.74 -5.12 -17.42
C MET C 137 19.49 -3.68 -17.86
N LEU C 138 19.21 -2.78 -16.91
CA LEU C 138 18.97 -1.39 -17.25
C LEU C 138 20.21 -0.77 -17.89
N CYS C 139 21.39 -1.10 -17.37
CA CYS C 139 22.63 -0.65 -18.00
C CYS C 139 22.86 -1.35 -19.34
N GLY C 140 22.46 -2.61 -19.45
CA GLY C 140 22.64 -3.33 -20.69
C GLY C 140 21.80 -2.77 -21.83
N ILE C 141 20.54 -2.42 -21.55
CA ILE C 141 19.68 -1.85 -22.60
C ILE C 141 20.19 -0.48 -23.02
N LYS C 142 20.64 0.32 -22.06
CA LYS C 142 21.09 1.68 -22.36
C LYS C 142 22.29 1.67 -23.30
N HIS C 143 23.23 0.74 -23.09
CA HIS C 143 24.41 0.65 -23.97
C HIS C 143 23.96 0.35 -25.39
N LEU C 144 22.96 -0.53 -25.53
CA LEU C 144 22.40 -0.83 -26.84
C LEU C 144 21.56 0.33 -27.37
N HIS C 145 20.71 0.91 -26.52
CA HIS C 145 19.89 2.04 -26.94
C HIS C 145 20.76 3.24 -27.30
N SER C 146 21.90 3.39 -26.64
CA SER C 146 22.82 4.47 -26.93
C SER C 146 23.37 4.36 -28.35
N ALA C 147 23.45 3.13 -28.88
CA ALA C 147 23.93 2.86 -30.22
C ALA C 147 22.79 2.79 -31.22
N GLY C 148 21.57 3.06 -30.78
CA GLY C 148 20.42 3.04 -31.67
C GLY C 148 19.75 1.69 -31.82
N ILE C 149 20.00 0.76 -30.90
CA ILE C 149 19.45 -0.59 -30.95
C ILE C 149 18.35 -0.70 -29.91
N ILE C 150 17.16 -1.08 -30.36
CA ILE C 150 16.03 -1.33 -29.47
C ILE C 150 15.72 -2.82 -29.53
N HIS C 151 15.58 -3.44 -28.36
CA HIS C 151 15.42 -4.89 -28.33
C HIS C 151 14.00 -5.32 -28.71
N ARG C 152 13.00 -4.88 -27.95
CA ARG C 152 11.59 -5.19 -28.13
C ARG C 152 11.25 -6.68 -27.98
N ASP C 153 12.20 -7.51 -27.56
CA ASP C 153 11.93 -8.92 -27.31
C ASP C 153 12.64 -9.40 -26.04
N LEU C 154 12.63 -8.56 -25.01
CA LEU C 154 13.29 -8.89 -23.75
C LEU C 154 12.43 -9.86 -22.95
N LYS C 155 13.00 -11.00 -22.59
CA LYS C 155 12.30 -12.04 -21.83
C LYS C 155 13.24 -12.70 -20.90
N PRO C 156 12.79 -13.39 -19.85
CA PRO C 156 13.69 -14.05 -18.91
C PRO C 156 14.52 -15.16 -19.54
N SER C 157 14.08 -15.69 -20.69
CA SER C 157 14.85 -16.70 -21.41
C SER C 157 15.92 -16.08 -22.30
N ASN C 158 15.96 -14.76 -22.40
CA ASN C 158 17.00 -14.07 -23.15
C ASN C 158 18.08 -13.50 -22.24
N ILE C 159 17.95 -13.64 -20.93
CA ILE C 159 18.85 -13.04 -19.96
C ILE C 159 19.47 -14.14 -19.12
N VAL C 160 20.80 -14.06 -18.95
CA VAL C 160 21.57 -15.09 -18.25
C VAL C 160 22.22 -14.46 -17.01
N VAL C 161 22.36 -15.26 -15.96
CA VAL C 161 22.93 -14.80 -14.70
C VAL C 161 24.05 -15.73 -14.27
N LYS C 162 24.96 -15.19 -13.45
CA LYS C 162 26.07 -15.97 -12.92
C LYS C 162 25.85 -16.16 -11.42
N SER C 163 26.70 -17.00 -10.81
CA SER C 163 26.61 -17.26 -9.37
C SER C 163 26.89 -16.00 -8.55
N ASP C 164 27.64 -15.06 -9.09
CA ASP C 164 27.92 -13.79 -8.46
C ASP C 164 26.90 -12.72 -8.82
N CYS C 165 25.79 -13.13 -9.44
CA CYS C 165 24.71 -12.24 -9.86
C CYS C 165 25.16 -11.24 -10.92
N THR C 166 26.05 -11.67 -11.81
CA THR C 166 26.43 -10.83 -12.95
C THR C 166 25.52 -11.19 -14.12
N LEU C 167 24.79 -10.19 -14.63
CA LEU C 167 23.72 -10.39 -15.58
C LEU C 167 24.19 -10.02 -16.98
N LYS C 168 23.84 -10.84 -17.97
CA LYS C 168 24.20 -10.57 -19.35
C LYS C 168 23.02 -10.84 -20.27
N ILE C 169 23.02 -10.18 -21.42
CA ILE C 169 21.96 -10.28 -22.42
C ILE C 169 22.49 -11.04 -23.63
N LEU C 170 21.76 -12.07 -24.05
CA LEU C 170 22.21 -12.94 -25.12
C LEU C 170 21.89 -12.36 -26.49
N ASP C 171 20.61 -12.08 -26.73
CA ASP C 171 20.13 -11.71 -28.06
C ASP C 171 20.06 -10.20 -28.15
N PHE C 172 20.16 -9.70 -29.38
CA PHE C 172 20.15 -8.27 -29.63
C PHE C 172 18.83 -7.83 -30.23
N GLY C 173 17.82 -8.68 -30.17
CA GLY C 173 16.51 -8.30 -30.66
C GLY C 173 16.59 -8.04 -32.14
N LEU C 174 15.77 -7.10 -32.57
CA LEU C 174 15.72 -6.71 -33.97
C LEU C 174 16.36 -5.35 -34.19
N ALA C 175 16.91 -4.76 -33.13
CA ALA C 175 17.61 -3.48 -33.17
C ALA C 175 16.61 -2.43 -33.64
N ARG C 176 16.88 -1.68 -34.69
CA ARG C 176 15.96 -0.62 -35.08
C ARG C 176 14.82 -1.15 -35.94
N THR C 177 15.03 -2.25 -36.66
CA THR C 177 14.23 -2.52 -37.84
C THR C 177 13.01 -3.38 -37.57
N ALA C 178 12.21 -3.53 -38.63
CA ALA C 178 11.06 -4.43 -38.70
C ALA C 178 10.13 -4.26 -37.49
N GLY C 179 9.60 -3.06 -37.32
CA GLY C 179 8.45 -2.89 -36.47
C GLY C 179 7.23 -3.52 -37.10
N THR C 180 6.43 -4.19 -36.27
CA THR C 180 5.29 -5.00 -36.69
C THR C 180 4.65 -5.60 -35.45
N SER C 181 3.93 -6.72 -35.61
CA SER C 181 3.46 -7.47 -34.45
C SER C 181 4.54 -8.36 -33.89
N PHE C 182 5.66 -8.47 -34.59
CA PHE C 182 6.83 -9.24 -34.17
C PHE C 182 6.52 -10.74 -34.13
N MET C 183 5.61 -11.17 -35.00
CA MET C 183 5.23 -12.57 -35.13
C MET C 183 5.69 -13.01 -36.51
N MET C 184 6.41 -14.12 -36.56
CA MET C 184 7.00 -14.58 -37.81
C MET C 184 7.53 -16.00 -37.69
N VAL C 188 8.09 -14.52 -31.45
CA VAL C 188 7.81 -15.94 -31.15
C VAL C 188 6.54 -15.94 -30.32
N VAL C 189 6.47 -16.75 -29.27
CA VAL C 189 5.31 -16.73 -28.34
C VAL C 189 5.76 -15.78 -27.23
N THR C 190 6.79 -14.99 -27.55
CA THR C 190 7.35 -14.05 -26.56
C THR C 190 6.45 -12.82 -26.57
N ARG C 191 5.20 -13.02 -26.18
CA ARG C 191 4.22 -11.92 -26.21
C ARG C 191 3.91 -11.47 -24.80
N TYR C 192 4.09 -12.36 -23.82
CA TYR C 192 3.68 -12.06 -22.44
C TYR C 192 4.42 -10.82 -21.98
N TYR C 193 5.58 -10.58 -22.57
CA TYR C 193 6.43 -9.43 -22.15
C TYR C 193 6.38 -8.34 -23.20
N ARG C 194 5.38 -8.37 -24.07
CA ARG C 194 5.36 -7.39 -25.20
C ARG C 194 4.73 -6.06 -24.77
N ALA C 195 5.19 -4.97 -25.36
CA ALA C 195 4.73 -3.66 -24.93
C ALA C 195 3.32 -3.38 -25.45
N PRO C 196 2.61 -2.41 -24.83
CA PRO C 196 1.29 -2.03 -25.33
C PRO C 196 1.34 -1.37 -26.70
N GLU C 197 2.28 -0.43 -26.87
CA GLU C 197 2.37 0.29 -28.13
C GLU C 197 2.66 -0.65 -29.29
N VAL C 198 3.64 -1.54 -29.11
CA VAL C 198 4.00 -2.45 -30.19
C VAL C 198 2.86 -3.40 -30.51
N ILE C 199 2.04 -3.72 -29.50
CA ILE C 199 0.87 -4.56 -29.72
C ILE C 199 -0.32 -3.75 -30.21
N LEU C 200 -0.21 -2.41 -30.19
CA LEU C 200 -1.28 -1.51 -30.61
C LEU C 200 -0.87 -0.55 -31.73
N GLY C 201 0.21 -0.88 -32.44
CA GLY C 201 0.63 -0.09 -33.58
C GLY C 201 0.94 1.37 -33.37
N MET C 202 1.14 1.78 -32.12
CA MET C 202 1.38 3.19 -31.85
C MET C 202 2.70 3.67 -32.46
N GLY C 203 3.68 2.77 -32.56
CA GLY C 203 5.01 3.14 -32.97
C GLY C 203 6.06 2.65 -32.04
N TYR C 204 7.31 2.78 -32.43
CA TYR C 204 8.44 2.22 -31.73
C TYR C 204 9.29 3.38 -31.20
N LYS C 205 9.48 3.40 -29.88
CA LYS C 205 10.41 4.32 -29.23
C LYS C 205 11.20 3.56 -28.19
N GLU C 206 12.05 4.26 -27.45
CA GLU C 206 12.96 3.59 -26.48
C GLU C 206 12.19 2.90 -25.36
N ASN C 207 11.10 3.49 -24.88
CA ASN C 207 10.38 2.96 -23.70
C ASN C 207 9.88 1.53 -23.88
N VAL C 208 9.79 1.02 -25.12
CA VAL C 208 9.18 -0.30 -25.29
C VAL C 208 9.85 -1.32 -24.38
N ASP C 209 11.18 -1.28 -24.30
CA ASP C 209 11.89 -2.29 -23.51
C ASP C 209 11.70 -2.09 -22.03
N ILE C 210 11.42 -0.85 -21.60
CA ILE C 210 11.11 -0.58 -20.21
C ILE C 210 9.85 -1.33 -19.80
N TRP C 211 8.88 -1.44 -20.71
CA TRP C 211 7.70 -2.24 -20.41
C TRP C 211 8.11 -3.69 -20.15
N SER C 212 9.04 -4.21 -20.96
CA SER C 212 9.46 -5.59 -20.80
C SER C 212 10.08 -5.82 -19.43
N VAL C 213 10.93 -4.90 -18.98
CA VAL C 213 11.55 -5.07 -17.67
C VAL C 213 10.50 -4.99 -16.57
N GLY C 214 9.46 -4.19 -16.78
CA GLY C 214 8.39 -4.09 -15.78
C GLY C 214 7.63 -5.39 -15.60
N CYS C 215 7.32 -6.07 -16.71
CA CYS C 215 6.69 -7.38 -16.60
C CYS C 215 7.63 -8.40 -15.99
N ILE C 216 8.92 -8.30 -16.28
CA ILE C 216 9.89 -9.22 -15.71
C ILE C 216 10.03 -8.99 -14.21
N MET C 217 10.00 -7.73 -13.78
CA MET C 217 10.10 -7.45 -12.35
C MET C 217 8.93 -8.10 -11.62
N GLY C 218 7.71 -7.90 -12.13
CA GLY C 218 6.54 -8.38 -11.43
C GLY C 218 6.51 -9.88 -11.26
N GLU C 219 7.05 -10.62 -12.23
CA GLU C 219 7.03 -12.07 -12.13
C GLU C 219 7.83 -12.55 -10.92
N MET C 220 8.94 -11.90 -10.62
CA MET C 220 9.72 -12.27 -9.44
C MET C 220 8.88 -12.14 -8.16
N ILE C 221 8.19 -11.01 -7.98
CA ILE C 221 7.42 -10.83 -6.75
C ILE C 221 6.21 -11.76 -6.72
N LYS C 222 5.40 -11.76 -7.76
CA LYS C 222 4.14 -12.53 -7.73
C LYS C 222 4.42 -14.03 -7.80
N GLY C 223 5.45 -14.43 -8.55
CA GLY C 223 5.76 -15.81 -8.78
C GLY C 223 5.22 -16.33 -10.10
N GLY C 224 4.60 -15.48 -10.92
CA GLY C 224 4.05 -15.89 -12.20
C GLY C 224 4.00 -14.70 -13.14
N VAL C 225 3.70 -15.00 -14.41
CA VAL C 225 3.59 -13.96 -15.41
C VAL C 225 2.49 -12.99 -15.01
N LEU C 226 2.79 -11.69 -15.09
CA LEU C 226 1.82 -10.68 -14.73
C LEU C 226 0.64 -10.66 -15.70
N PHE C 227 0.91 -10.73 -17.01
CA PHE C 227 -0.11 -10.64 -18.05
C PHE C 227 -0.06 -11.88 -18.92
N PRO C 228 -0.69 -12.98 -18.50
CA PRO C 228 -0.76 -14.19 -19.33
C PRO C 228 -1.91 -14.20 -20.33
N GLY C 229 -1.65 -14.07 -21.58
CA GLY C 229 -2.69 -14.03 -22.60
C GLY C 229 -2.76 -15.37 -23.37
N THR C 230 -3.96 -15.94 -23.37
CA THR C 230 -4.16 -17.23 -24.03
C THR C 230 -3.98 -17.12 -25.54
N ASP C 231 -4.24 -15.94 -26.10
CA ASP C 231 -4.18 -15.71 -27.53
C ASP C 231 -3.46 -14.40 -27.79
N HIS C 232 -3.56 -13.88 -29.01
CA HIS C 232 -2.86 -12.66 -29.36
C HIS C 232 -3.36 -11.47 -28.54
N ILE C 233 -4.68 -11.27 -28.47
CA ILE C 233 -5.24 -10.08 -27.83
C ILE C 233 -5.77 -10.32 -26.42
N ASP C 234 -5.89 -11.58 -25.98
CA ASP C 234 -6.21 -11.82 -24.58
C ASP C 234 -5.13 -11.24 -23.67
N GLN C 235 -3.90 -11.16 -24.17
CA GLN C 235 -2.86 -10.42 -23.46
C GLN C 235 -3.30 -8.98 -23.23
N TRP C 236 -3.82 -8.33 -24.27
CA TRP C 236 -4.30 -6.96 -24.11
C TRP C 236 -5.47 -6.91 -23.15
N ASN C 237 -6.31 -7.95 -23.15
CA ASN C 237 -7.43 -7.99 -22.21
C ASN C 237 -6.93 -8.12 -20.78
N LYS C 238 -5.85 -8.89 -20.58
CA LYS C 238 -5.31 -9.11 -19.24
C LYS C 238 -4.72 -7.83 -18.65
N VAL C 239 -4.01 -7.04 -19.45
CA VAL C 239 -3.33 -5.87 -18.90
C VAL C 239 -4.36 -4.83 -18.43
N ILE C 240 -5.34 -4.52 -19.28
CA ILE C 240 -6.34 -3.51 -18.94
C ILE C 240 -7.30 -4.03 -17.88
N GLU C 241 -7.41 -5.35 -17.69
CA GLU C 241 -8.28 -5.90 -16.67
C GLU C 241 -7.83 -5.49 -15.27
N GLN C 242 -6.52 -5.43 -15.04
CA GLN C 242 -5.91 -5.10 -13.75
C GLN C 242 -5.25 -3.73 -13.75
N LEU C 243 -4.55 -3.37 -14.83
CA LEU C 243 -3.95 -2.05 -14.93
C LEU C 243 -5.00 -0.97 -15.16
N GLY C 244 -6.03 -1.30 -15.95
CA GLY C 244 -7.10 -0.37 -16.20
C GLY C 244 -7.18 0.07 -17.65
N THR C 245 -8.36 0.53 -18.05
CA THR C 245 -8.55 1.00 -19.42
C THR C 245 -7.88 2.36 -19.58
N PRO C 246 -7.17 2.59 -20.69
CA PRO C 246 -6.45 3.86 -20.87
C PRO C 246 -7.41 5.04 -20.96
N CYS C 247 -6.82 6.23 -20.96
CA CYS C 247 -7.57 7.46 -20.97
C CYS C 247 -8.01 7.80 -22.39
N PRO C 248 -9.00 8.69 -22.55
CA PRO C 248 -9.50 8.98 -23.91
C PRO C 248 -8.44 9.51 -24.87
N GLU C 249 -7.57 10.41 -24.40
CA GLU C 249 -6.55 11.02 -25.26
C GLU C 249 -5.68 9.96 -25.93
N PHE C 250 -5.53 8.82 -25.26
CA PHE C 250 -4.66 7.74 -25.71
C PHE C 250 -5.18 7.12 -27.02
N MET C 251 -6.48 6.80 -27.07
CA MET C 251 -7.09 6.15 -28.22
C MET C 251 -7.22 7.04 -29.45
N LYS C 252 -6.91 8.33 -29.33
CA LYS C 252 -7.05 9.24 -30.46
C LYS C 252 -6.17 8.82 -31.63
N LYS C 253 -4.92 8.47 -31.36
CA LYS C 253 -3.98 8.11 -32.40
C LYS C 253 -4.18 6.69 -32.94
N LEU C 254 -5.09 5.92 -32.35
CA LEU C 254 -5.29 4.53 -32.75
C LEU C 254 -5.91 4.43 -34.15
N GLN C 255 -5.49 3.39 -34.87
CA GLN C 255 -6.09 3.11 -36.17
C GLN C 255 -7.57 2.73 -36.00
N PRO C 256 -8.45 3.18 -36.90
CA PRO C 256 -9.90 3.03 -36.64
C PRO C 256 -10.40 1.59 -36.61
N THR C 257 -9.88 0.71 -37.49
CA THR C 257 -10.48 -0.61 -37.63
C THR C 257 -10.45 -1.40 -36.32
N VAL C 258 -9.51 -1.06 -35.45
CA VAL C 258 -9.41 -1.78 -34.14
C VAL C 258 -9.71 -0.79 -33.02
N ARG C 259 -9.42 0.49 -33.26
CA ARG C 259 -9.76 1.50 -32.25
C ARG C 259 -11.18 1.28 -31.77
N THR C 260 -12.07 0.84 -32.66
CA THR C 260 -13.42 0.47 -32.25
C THR C 260 -13.40 -0.74 -31.34
N TYR C 261 -12.63 -1.78 -31.72
CA TYR C 261 -12.54 -2.98 -30.89
C TYR C 261 -12.08 -2.66 -29.48
N VAL C 262 -11.18 -1.69 -29.34
CA VAL C 262 -10.69 -1.33 -28.00
C VAL C 262 -11.83 -0.77 -27.16
N GLU C 263 -12.55 0.23 -27.71
CA GLU C 263 -13.63 0.85 -26.95
C GLU C 263 -14.84 -0.07 -26.81
N ASN C 264 -15.00 -1.04 -27.71
CA ASN C 264 -16.18 -1.90 -27.65
C ASN C 264 -16.03 -2.98 -26.59
N ARG C 265 -14.81 -3.42 -26.33
CA ARG C 265 -14.59 -4.47 -25.34
C ARG C 265 -14.92 -3.92 -23.96
N PRO C 266 -15.36 -4.77 -23.03
CA PRO C 266 -15.75 -4.27 -21.70
C PRO C 266 -14.63 -3.48 -21.05
N LYS C 267 -14.97 -2.33 -20.51
CA LYS C 267 -13.98 -1.47 -19.87
C LYS C 267 -13.72 -1.95 -18.45
N TYR C 268 -12.45 -1.89 -18.04
CA TYR C 268 -12.08 -2.32 -16.70
C TYR C 268 -11.34 -1.17 -16.03
N ALA C 269 -11.75 -0.85 -14.81
CA ALA C 269 -11.09 0.18 -14.02
C ALA C 269 -9.69 -0.26 -13.60
N GLY C 270 -9.53 -1.54 -13.28
CA GLY C 270 -8.21 -1.98 -12.89
C GLY C 270 -8.03 -2.02 -11.39
N TYR C 271 -7.25 -2.99 -10.94
CA TYR C 271 -6.96 -3.25 -9.55
C TYR C 271 -5.83 -2.35 -9.07
N SER C 272 -5.66 -2.27 -7.76
CA SER C 272 -4.60 -1.44 -7.21
C SER C 272 -3.24 -2.10 -7.42
N PHE C 273 -2.27 -1.29 -7.83
CA PHE C 273 -0.90 -1.77 -7.96
C PHE C 273 -0.38 -2.25 -6.62
N GLU C 274 -0.87 -1.61 -5.56
CA GLU C 274 -0.41 -1.91 -4.20
C GLU C 274 -0.75 -3.33 -3.79
N LYS C 275 -1.94 -3.83 -4.13
CA LYS C 275 -2.21 -5.25 -3.91
C LYS C 275 -1.86 -6.07 -5.14
N LEU C 276 -1.82 -5.44 -6.31
CA LEU C 276 -1.28 -6.14 -7.46
C LEU C 276 0.17 -6.49 -7.16
N PHE C 277 0.85 -5.63 -6.41
CA PHE C 277 2.20 -5.90 -5.90
C PHE C 277 2.15 -5.64 -4.40
N PRO C 278 1.54 -6.53 -3.61
CA PRO C 278 1.33 -6.34 -2.18
C PRO C 278 2.55 -6.59 -1.30
N ASP C 279 2.35 -6.41 0.02
CA ASP C 279 3.47 -6.59 0.98
C ASP C 279 3.78 -8.07 1.19
N VAL C 280 2.78 -8.93 1.00
CA VAL C 280 2.99 -10.38 1.29
C VAL C 280 4.04 -10.95 0.34
N LEU C 281 3.88 -10.70 -0.95
CA LEU C 281 4.88 -11.16 -1.95
C LEU C 281 6.17 -10.40 -1.64
N PHE C 282 6.02 -9.17 -1.17
CA PHE C 282 7.18 -8.35 -0.78
C PHE C 282 7.65 -8.79 0.61
N PRO C 283 8.76 -8.24 1.12
CA PRO C 283 9.25 -8.59 2.46
C PRO C 283 8.38 -8.00 3.58
N ALA C 284 8.17 -8.75 4.65
CA ALA C 284 7.44 -8.22 5.83
C ALA C 284 8.32 -8.39 7.06
N ASP C 285 9.51 -8.96 6.85
CA ASP C 285 10.44 -9.22 7.98
C ASP C 285 10.86 -7.90 8.63
N SER C 286 11.16 -6.87 7.82
CA SER C 286 11.65 -5.61 8.41
C SER C 286 11.06 -4.38 7.70
N GLU C 287 10.85 -3.30 8.45
CA GLU C 287 10.32 -2.05 7.86
C GLU C 287 11.34 -1.50 6.87
N HIS C 288 12.62 -1.49 7.24
CA HIS C 288 13.58 -1.05 6.25
C HIS C 288 13.35 -1.75 4.91
N ASN C 289 13.14 -3.06 4.95
CA ASN C 289 12.78 -3.79 3.73
C ASN C 289 11.42 -3.33 3.21
N LYS C 290 10.49 -3.08 4.12
CA LYS C 290 9.16 -2.59 3.75
C LYS C 290 9.21 -1.20 3.14
N LEU C 291 10.10 -0.34 3.62
CA LEU C 291 10.16 1.02 3.09
C LEU C 291 10.55 1.03 1.62
N LYS C 292 11.58 0.25 1.27
CA LYS C 292 11.99 0.14 -0.12
C LYS C 292 10.91 -0.50 -0.99
N ALA C 293 10.03 -1.29 -0.36
CA ALA C 293 8.92 -1.92 -1.07
C ALA C 293 7.99 -0.88 -1.70
N SER C 294 7.62 0.15 -0.93
CA SER C 294 6.73 1.17 -1.47
C SER C 294 7.36 1.92 -2.64
N GLN C 295 8.65 2.24 -2.54
CA GLN C 295 9.34 2.88 -3.66
C GLN C 295 9.53 1.91 -4.82
N ALA C 296 9.70 0.62 -4.53
CA ALA C 296 9.78 -0.36 -5.61
C ALA C 296 8.45 -0.46 -6.33
N ARG C 297 7.35 -0.46 -5.58
CA ARG C 297 6.02 -0.45 -6.18
C ARG C 297 5.80 0.80 -7.01
N ASP C 298 6.37 1.92 -6.57
CA ASP C 298 6.19 3.20 -7.25
C ASP C 298 6.79 3.20 -8.65
N LEU C 299 8.02 2.69 -8.79
CA LEU C 299 8.65 2.68 -10.10
C LEU C 299 7.91 1.76 -11.06
N LEU C 300 7.46 0.61 -10.55
CA LEU C 300 6.67 -0.29 -11.37
C LEU C 300 5.41 0.41 -11.89
N SER C 301 4.86 1.33 -11.09
CA SER C 301 3.76 2.17 -11.56
C SER C 301 4.23 3.14 -12.63
N LYS C 302 5.47 3.61 -12.54
CA LYS C 302 6.01 4.60 -13.46
C LYS C 302 6.69 3.95 -14.65
N MET C 303 6.88 2.64 -14.61
CA MET C 303 7.45 1.86 -15.70
C MET C 303 6.38 1.12 -16.48
N LEU C 304 5.39 0.57 -15.76
CA LEU C 304 4.27 -0.14 -16.38
C LEU C 304 3.08 0.81 -16.58
N VAL C 305 3.21 1.72 -17.55
CA VAL C 305 2.15 2.65 -17.90
C VAL C 305 1.77 2.43 -19.36
N ILE C 306 0.47 2.39 -19.63
CA ILE C 306 -0.02 2.09 -20.98
C ILE C 306 0.38 3.17 -21.98
N ASP C 307 0.41 4.41 -21.51
CA ASP C 307 0.78 5.55 -22.40
C ASP C 307 2.28 5.50 -22.65
N ALA C 308 2.66 5.25 -23.90
CA ALA C 308 4.08 5.20 -24.26
C ALA C 308 4.74 6.51 -23.82
N SER C 309 4.13 7.64 -24.10
CA SER C 309 4.79 8.93 -23.80
C SER C 309 4.84 9.18 -22.30
N LYS C 310 4.11 8.39 -21.51
CA LYS C 310 4.06 8.68 -20.05
C LYS C 310 4.92 7.67 -19.30
N ARG C 311 5.75 6.91 -20.02
CA ARG C 311 6.68 5.95 -19.37
C ARG C 311 8.00 6.67 -19.10
N ILE C 312 8.62 6.39 -17.96
CA ILE C 312 9.87 7.05 -17.59
C ILE C 312 10.98 6.53 -18.49
N SER C 313 11.95 7.39 -18.77
CA SER C 313 13.08 6.94 -19.56
C SER C 313 14.05 6.12 -18.69
N VAL C 314 14.92 5.37 -19.36
CA VAL C 314 15.89 4.54 -18.64
C VAL C 314 16.81 5.41 -17.80
N ASP C 315 17.18 6.59 -18.32
CA ASP C 315 18.07 7.47 -17.57
C ASP C 315 17.41 7.92 -16.27
N GLU C 316 16.13 8.26 -16.31
CA GLU C 316 15.42 8.59 -15.08
C GLU C 316 15.22 7.36 -14.20
N ALA C 317 15.02 6.20 -14.83
CA ALA C 317 14.92 4.95 -14.08
C ALA C 317 16.24 4.59 -13.42
N LEU C 318 17.36 4.91 -14.06
CA LEU C 318 18.67 4.59 -13.50
C LEU C 318 18.93 5.36 -12.20
N GLN C 319 18.33 6.54 -12.06
CA GLN C 319 18.49 7.35 -10.86
C GLN C 319 17.42 7.07 -9.81
N HIS C 320 16.68 5.97 -9.97
CA HIS C 320 15.65 5.63 -8.99
C HIS C 320 16.29 5.08 -7.72
N PRO C 321 15.71 5.36 -6.55
CA PRO C 321 16.27 4.85 -5.28
C PRO C 321 16.45 3.35 -5.25
N TYR C 322 15.57 2.58 -5.91
CA TYR C 322 15.71 1.13 -5.92
C TYR C 322 16.95 0.70 -6.70
N ILE C 323 17.35 1.48 -7.69
CA ILE C 323 18.43 1.09 -8.58
C ILE C 323 19.67 1.97 -8.38
N ASN C 324 19.53 3.18 -7.82
CA ASN C 324 20.66 4.08 -7.68
C ASN C 324 21.69 3.57 -6.68
N VAL C 325 21.32 2.64 -5.80
CA VAL C 325 22.26 2.12 -4.82
C VAL C 325 23.42 1.42 -5.52
N TRP C 326 23.19 0.85 -6.69
CA TRP C 326 24.21 0.16 -7.47
C TRP C 326 24.87 1.06 -8.50
N TYR C 327 24.60 2.36 -8.46
CA TYR C 327 25.04 3.24 -9.52
C TYR C 327 26.56 3.30 -9.57
N ASP C 328 27.12 2.84 -10.69
CA ASP C 328 28.54 2.99 -10.99
C ASP C 328 28.58 3.67 -12.35
N PRO C 329 29.13 4.89 -12.44
CA PRO C 329 29.07 5.62 -13.71
C PRO C 329 29.80 4.95 -14.87
N SER C 330 30.84 4.15 -14.59
CA SER C 330 31.60 3.51 -15.65
C SER C 330 30.74 2.57 -16.47
N GLU C 331 29.98 1.71 -15.78
CA GLU C 331 29.13 0.74 -16.46
C GLU C 331 27.93 1.43 -17.12
N ALA C 332 27.33 2.40 -16.43
CA ALA C 332 26.16 3.08 -16.97
C ALA C 332 26.57 4.12 -18.01
N GLU C 333 27.57 4.95 -17.71
CA GLU C 333 27.95 5.96 -18.69
C GLU C 333 29.07 5.47 -19.60
N ALA C 334 29.08 4.18 -19.94
CA ALA C 334 30.14 3.65 -20.77
C ALA C 334 30.01 4.25 -22.17
N PRO C 335 31.12 4.38 -22.91
CA PRO C 335 31.04 5.01 -24.23
C PRO C 335 30.15 4.22 -25.16
N PRO C 336 29.27 4.88 -25.90
CA PRO C 336 28.32 4.15 -26.75
C PRO C 336 29.06 3.35 -27.79
N PRO C 337 28.60 2.13 -28.08
CA PRO C 337 29.26 1.32 -29.11
C PRO C 337 28.84 1.84 -30.48
N LYS C 338 29.83 2.04 -31.34
CA LYS C 338 29.53 2.53 -32.71
C LYS C 338 30.18 1.61 -33.74
N ILE C 339 29.38 0.81 -34.43
CA ILE C 339 29.93 -0.07 -35.51
C ILE C 339 29.38 0.38 -36.87
N PRO C 340 30.17 1.08 -37.70
CA PRO C 340 29.74 1.46 -39.03
C PRO C 340 29.92 0.20 -39.88
N ASP C 341 28.89 -0.63 -39.95
CA ASP C 341 28.95 -1.87 -40.76
C ASP C 341 29.10 -1.50 -42.22
N LYS C 342 29.90 -2.25 -42.99
CA LYS C 342 29.97 -1.99 -44.44
C LYS C 342 28.55 -2.18 -44.98
N GLN C 343 27.84 -3.21 -44.50
CA GLN C 343 26.41 -3.36 -44.86
C GLN C 343 25.61 -2.95 -43.63
N LEU C 344 24.92 -1.82 -43.67
CA LEU C 344 24.25 -1.30 -42.46
C LEU C 344 23.21 -2.30 -41.99
N ASP C 345 22.88 -2.28 -40.70
CA ASP C 345 21.83 -3.17 -40.16
C ASP C 345 20.54 -2.85 -40.91
N GLU C 346 20.39 -1.60 -41.35
CA GLU C 346 19.20 -1.22 -42.16
C GLU C 346 19.47 -1.46 -43.65
N ARG C 347 19.63 -2.72 -44.06
CA ARG C 347 19.81 -3.03 -45.50
C ARG C 347 19.51 -4.51 -45.72
N GLU C 348 19.11 -4.90 -46.94
CA GLU C 348 18.88 -6.34 -47.22
C GLU C 348 19.64 -6.75 -48.48
N HIS C 349 19.75 -8.06 -48.71
CA HIS C 349 20.49 -8.57 -49.87
C HIS C 349 19.98 -9.99 -50.19
N THR C 350 20.60 -10.64 -51.18
CA THR C 350 20.22 -11.97 -51.67
C THR C 350 20.77 -13.11 -50.80
N ILE C 351 20.19 -14.30 -50.98
CA ILE C 351 20.59 -15.50 -50.18
C ILE C 351 22.07 -15.81 -50.46
N GLU C 352 22.41 -16.03 -51.71
CA GLU C 352 23.81 -16.42 -52.00
C GLU C 352 24.71 -15.26 -51.57
N GLU C 353 24.24 -14.04 -51.78
CA GLU C 353 25.03 -12.86 -51.34
C GLU C 353 25.15 -12.91 -49.81
N TRP C 354 24.06 -13.20 -49.12
CA TRP C 354 24.18 -13.35 -47.66
C TRP C 354 25.31 -14.34 -47.42
N LYS C 355 25.31 -15.44 -48.16
CA LYS C 355 26.35 -16.46 -47.99
C LYS C 355 27.72 -15.82 -48.16
N GLU C 356 27.76 -14.68 -48.85
CA GLU C 356 29.07 -14.02 -49.11
C GLU C 356 29.42 -13.11 -47.92
N LEU C 357 28.48 -12.29 -47.49
CA LEU C 357 28.80 -11.32 -46.41
C LEU C 357 29.10 -12.10 -45.14
N ILE C 358 28.32 -13.14 -44.89
CA ILE C 358 28.46 -13.91 -43.62
C ILE C 358 29.82 -14.57 -43.53
N TYR C 359 30.13 -15.46 -44.47
CA TYR C 359 31.39 -16.23 -44.33
C TYR C 359 32.53 -15.24 -44.20
N LYS C 360 32.40 -14.10 -44.87
CA LYS C 360 33.53 -13.14 -44.86
C LYS C 360 33.76 -12.66 -43.43
N GLU C 361 32.69 -12.36 -42.70
CA GLU C 361 32.88 -11.78 -41.34
C GLU C 361 32.95 -12.90 -40.31
N VAL C 362 33.01 -14.16 -40.75
CA VAL C 362 33.21 -15.24 -39.74
C VAL C 362 34.54 -14.91 -39.07
N MET C 363 35.29 -13.99 -39.65
CA MET C 363 36.58 -13.55 -39.07
C MET C 363 36.34 -13.04 -37.65
C16 CIF D . -26.36 -26.29 29.82
C7 CIF D . -22.82 -25.65 30.17
C14 CIF D . -21.80 -27.37 28.85
C15 CIF D . -20.03 -29.04 28.34
C17 CIF D . -28.10 -24.91 29.35
C18 CIF D . -28.97 -25.61 30.11
C19 CIF D . -30.22 -25.14 30.35
C20 CIF D . -30.65 -23.96 29.82
C21 CIF D . -29.79 -23.25 29.05
C22 CIF D . -28.53 -23.73 28.85
C23 CIF D . -30.22 -21.95 28.45
C26 CIF D . -30.00 -20.41 26.75
C27 CIF D . -28.96 -19.76 26.16
C28 CIF D . -29.11 -18.56 25.56
C29 CIF D . -30.32 -17.96 25.48
C2 CIF D . -25.56 -27.35 29.16
C30 CIF D . -31.38 -18.62 26.03
C31 CIF D . -31.23 -19.83 26.66
C33 CIF D . -29.68 -15.79 24.88
C35 CIF D . -28.80 -13.94 23.88
C36 CIF D . -27.92 -13.77 24.92
C37 CIF D . -27.96 -14.67 25.96
C39 CIF D . -27.87 -18.00 24.99
C1 CIF D . -25.39 -28.50 30.09
C40 CIF D . -27.06 -14.61 27.13
C41 CIF D . -26.12 -13.62 27.27
C42 CIF D . -25.31 -13.65 28.37
C43 CIF D . -25.43 -14.64 29.30
C45 CIF D . -27.11 -15.57 28.09
C6 CIF D . -24.07 -29.15 30.20
C5 CIF D . -23.27 -28.00 30.69
C4 CIF D . -23.07 -27.02 29.56
C3 CIF D . -24.25 -26.89 28.61
N2 CIF D . -26.88 -25.34 29.09
N25 CIF D . -29.75 -21.59 27.30
N32 CIF D . -30.54 -16.79 24.88
N34 CIF D . -29.66 -14.94 23.89
N38 CIF D . -28.85 -15.64 25.90
N44 CIF D . -26.33 -15.59 29.14
O2 CIF D . -26.51 -26.31 31.03
O1 CIF D . -21.29 -26.60 28.07
O CIF D . -21.16 -28.65 29.12
O4 CIF D . -26.31 -28.89 30.77
O24 CIF D . -31.01 -21.26 29.01
C1 GOL E . -22.73 -6.46 9.05
O1 GOL E . -22.35 -6.23 7.72
C2 GOL E . -22.94 -7.97 9.22
O2 GOL E . -24.23 -8.35 8.91
C3 GOL E . -21.90 -8.60 8.28
O3 GOL E . -21.78 -9.93 8.66
C16 CIF F . -10.46 35.01 10.01
C7 CIF F . -6.83 33.99 9.66
C14 CIF F . -7.17 31.76 10.40
C15 CIF F . -6.61 29.70 11.50
C17 CIF F . -10.77 36.51 8.22
C18 CIF F . -11.05 37.61 8.99
C19 CIF F . -11.10 38.88 8.50
C20 CIF F . -10.88 39.06 7.17
C21 CIF F . -10.62 37.99 6.40
C22 CIF F . -10.58 36.72 6.90
C23 CIF F . -10.41 38.27 4.97
C26 CIF F . -10.50 37.51 2.84
C27 CIF F . -9.57 36.79 2.18
C28 CIF F . -9.45 36.92 0.84
C29 CIF F . -10.24 37.76 0.15
C2 CIF F . -10.24 33.59 10.36
C30 CIF F . -11.18 38.48 0.83
C31 CIF F . -11.32 38.36 2.19
C33 CIF F . -9.18 37.87 -1.97
C35 CIF F . -8.36 37.68 -4.09
C36 CIF F . -7.08 37.81 -3.63
C37 CIF F . -6.90 37.99 -2.29
C39 CIF F . -8.41 36.04 0.23
C1 CIF F . -10.16 33.42 11.82
C40 CIF F . -5.56 38.13 -1.66
C41 CIF F . -4.42 37.87 -2.36
C42 CIF F . -3.23 38.03 -1.72
C43 CIF F . -3.20 38.40 -0.41
C45 CIF F . -5.45 38.49 -0.35
C6 CIF F . -9.00 32.79 12.47
C5 CIF F . -7.84 33.49 11.83
C4 CIF F . -7.77 33.08 10.39
C3 CIF F . -9.07 33.02 9.65
N2 CIF F . -10.72 35.28 8.74
N25 CIF F . -10.60 37.32 4.14
N32 CIF F . -10.22 37.95 -1.17
N34 CIF F . -9.38 37.72 -3.27
N38 CIF F . -7.96 38.06 -1.51
N44 CIF F . -4.30 38.63 0.25
O2 CIF F . -10.40 35.84 10.87
O1 CIF F . -6.60 31.34 9.43
O CIF F . -7.28 30.93 11.54
O4 CIF F . -11.05 33.90 12.44
O24 CIF F . -10.12 39.38 4.66
C16 CIF G . 12.89 -22.88 -17.85
C7 CIF G . 11.86 -20.31 -20.09
C14 CIF G . 10.69 -18.85 -18.56
C15 CIF G . 9.31 -17.21 -17.40
C17 CIF G . 15.02 -23.53 -17.58
C18 CIF G . 14.61 -24.74 -17.10
C19 CIF G . 15.49 -25.76 -16.99
C20 CIF G . 16.80 -25.55 -17.33
C21 CIF G . 17.19 -24.35 -17.80
C22 CIF G . 16.31 -23.34 -17.92
C23 CIF G . 18.61 -24.17 -18.17
C26 CIF G . 20.45 -22.72 -18.11
C27 CIF G . 20.67 -21.42 -18.42
C28 CIF G . 21.90 -20.99 -18.81
C29 CIF G . 22.94 -21.84 -18.88
C2 CIF G . 11.95 -22.04 -17.11
C30 CIF G . 22.73 -23.13 -18.53
C31 CIF G . 21.49 -23.58 -18.15
C33 CIF G . 24.51 -20.69 -20.25
C35 CIF G . 26.05 -19.27 -21.18
C36 CIF G . 25.34 -19.22 -22.33
C37 CIF G . 24.20 -19.96 -22.38
C39 CIF G . 22.13 -19.59 -19.15
C1 CIF G . 10.58 -22.55 -17.27
C40 CIF G . 23.40 -19.92 -23.60
C41 CIF G . 23.95 -19.40 -24.72
C42 CIF G . 23.19 -19.37 -25.85
C43 CIF G . 21.91 -19.84 -25.84
C45 CIF G . 22.11 -20.37 -23.62
C6 CIF G . 9.53 -21.56 -17.52
C5 CIF G . 9.92 -21.09 -18.88
C4 CIF G . 11.14 -20.23 -18.77
C3 CIF G . 12.07 -20.64 -17.67
N2 CIF G . 14.14 -22.55 -17.70
N25 CIF G . 19.24 -23.10 -17.72
N32 CIF G . 24.16 -21.43 -19.20
N34 CIF G . 25.62 -20.00 -20.17
N38 CIF G . 23.82 -20.69 -21.34
N44 CIF G . 21.41 -20.32 -24.74
O2 CIF G . 12.52 -23.80 -18.52
O1 CIF G . 11.08 -17.94 -19.21
O CIF G . 9.71 -18.55 -17.58
O4 CIF G . 10.34 -23.73 -17.24
O24 CIF G . 19.11 -25.01 -18.84
#